data_4K07
#
_entry.id   4K07
#
_cell.length_a   159.910
_cell.length_b   200.334
_cell.length_c   40.056
_cell.angle_alpha   90.00
_cell.angle_beta   90.00
_cell.angle_gamma   90.00
#
_symmetry.space_group_name_H-M   'P 21 21 2'
#
loop_
_entity.id
_entity.type
_entity.pdbx_description
1 polymer 'Amyloidogenic immunoglobulin light chain protein AL-103'
2 non-polymer 'SULFATE ION'
3 water water
#
_entity_poly.entity_id   1
_entity_poly.type   'polypeptide(L)'
_entity_poly.pdbx_seq_one_letter_code
;MRAKLLGIVLTTPIAISSFASTDIQMTQSPSSLSASVGDRVTITCQASQDISNYLIWYQQKPGKAPKLLIYDASNLETGV
PSRFSGSGSGTDFTFTISSLQPEDIATYYCQQYHNLPYTFGPGTKLEIK
;
_entity_poly.pdbx_strand_id   A,B,C,D,E,F,G,H,I,J
#
loop_
_chem_comp.id
_chem_comp.type
_chem_comp.name
_chem_comp.formula
SO4 non-polymer 'SULFATE ION' 'O4 S -2'
#
# COMPACT_ATOMS: atom_id res chain seq x y z
N THR A 22 -16.71 -8.79 -31.83
CA THR A 22 -16.59 -8.99 -30.35
C THR A 22 -15.72 -10.22 -30.05
N ASP A 23 -16.24 -11.14 -29.23
CA ASP A 23 -15.50 -12.32 -28.80
C ASP A 23 -15.30 -13.37 -29.90
N ILE A 24 -14.25 -13.23 -30.70
CA ILE A 24 -13.95 -14.19 -31.75
C ILE A 24 -13.52 -15.53 -31.15
N GLN A 25 -14.13 -16.62 -31.62
CA GLN A 25 -13.82 -17.97 -31.15
C GLN A 25 -12.88 -18.63 -32.15
N MET A 26 -11.75 -19.12 -31.64
CA MET A 26 -10.77 -19.83 -32.45
C MET A 26 -10.85 -21.33 -32.20
N THR A 27 -11.18 -22.09 -33.24
CA THR A 27 -11.30 -23.53 -33.16
C THR A 27 -10.07 -24.11 -33.84
N GLN A 28 -9.58 -25.23 -33.34
CA GLN A 28 -8.35 -25.81 -33.87
C GLN A 28 -8.51 -27.31 -33.89
N SER A 29 -8.12 -27.93 -35.00
CA SER A 29 -8.26 -29.36 -35.19
C SER A 29 -6.98 -29.84 -35.86
N PRO A 30 -6.49 -31.04 -35.54
CA PRO A 30 -7.08 -31.85 -34.47
C PRO A 30 -6.60 -31.42 -33.08
N SER A 31 -7.19 -32.05 -32.06
N SER A 31 -7.21 -32.04 -32.06
CA SER A 31 -6.79 -31.75 -30.69
CA SER A 31 -6.80 -31.76 -30.68
C SER A 31 -5.43 -32.37 -30.36
C SER A 31 -5.46 -32.39 -30.32
N SER A 32 -5.19 -33.60 -30.81
CA SER A 32 -3.91 -34.25 -30.59
C SER A 32 -3.64 -35.15 -31.78
N LEU A 33 -2.36 -35.44 -32.02
CA LEU A 33 -2.03 -36.41 -33.04
C LEU A 33 -0.61 -36.92 -32.81
N SER A 34 -0.38 -38.17 -33.22
CA SER A 34 0.93 -38.80 -33.16
C SER A 34 1.35 -39.14 -34.57
N ALA A 35 2.64 -38.97 -34.87
CA ALA A 35 3.17 -39.27 -36.19
C ALA A 35 4.63 -39.68 -36.06
N SER A 36 5.22 -40.08 -37.19
CA SER A 36 6.59 -40.53 -37.23
C SER A 36 7.49 -39.43 -37.77
N VAL A 37 8.78 -39.53 -37.42
CA VAL A 37 9.80 -38.64 -37.97
C VAL A 37 9.79 -38.69 -39.49
N GLY A 38 9.81 -37.52 -40.13
CA GLY A 38 9.76 -37.44 -41.57
C GLY A 38 8.39 -37.36 -42.18
N ASP A 39 7.32 -37.48 -41.40
CA ASP A 39 6.00 -37.41 -42.02
C ASP A 39 5.58 -35.96 -42.25
N ARG A 40 4.67 -35.76 -43.21
CA ARG A 40 4.04 -34.46 -43.39
C ARG A 40 2.89 -34.34 -42.38
N VAL A 41 2.82 -33.23 -41.67
CA VAL A 41 1.74 -32.95 -40.73
C VAL A 41 0.97 -31.71 -41.14
N THR A 42 -0.36 -31.81 -41.18
CA THR A 42 -1.21 -30.69 -41.58
C THR A 42 -2.26 -30.49 -40.51
N ILE A 43 -2.27 -29.30 -39.91
CA ILE A 43 -3.17 -28.93 -38.81
C ILE A 43 -3.94 -27.70 -39.27
N THR A 44 -5.21 -27.63 -38.92
CA THR A 44 -6.07 -26.54 -39.32
C THR A 44 -6.60 -25.75 -38.13
N CYS A 45 -7.06 -24.54 -38.45
CA CYS A 45 -7.59 -23.59 -37.48
C CYS A 45 -8.65 -22.76 -38.18
N GLN A 46 -9.87 -22.81 -37.64
CA GLN A 46 -11.00 -22.06 -38.15
C GLN A 46 -11.39 -20.97 -37.17
N ALA A 47 -11.55 -19.74 -37.67
CA ALA A 47 -12.05 -18.64 -36.88
C ALA A 47 -13.56 -18.50 -37.03
N SER A 48 -14.21 -18.06 -35.96
CA SER A 48 -15.65 -17.86 -35.91
C SER A 48 -16.09 -16.59 -36.63
N GLN A 49 -15.15 -15.72 -37.00
CA GLN A 49 -15.47 -14.56 -37.83
C GLN A 49 -14.28 -14.26 -38.75
N ASP A 50 -14.56 -13.52 -39.81
CA ASP A 50 -13.54 -13.18 -40.80
C ASP A 50 -12.41 -12.38 -40.15
N ILE A 51 -11.19 -12.92 -40.14
CA ILE A 51 -10.06 -12.24 -39.53
C ILE A 51 -9.01 -11.82 -40.58
N SER A 52 -9.39 -11.75 -41.85
CA SER A 52 -8.45 -11.38 -42.94
C SER A 52 -7.28 -12.36 -42.85
N ASN A 53 -6.02 -11.89 -42.92
CA ASN A 53 -4.86 -12.77 -42.72
C ASN A 53 -4.12 -12.46 -41.43
N TYR A 54 -4.80 -11.93 -40.42
CA TYR A 54 -4.19 -11.65 -39.12
C TYR A 54 -4.23 -12.89 -38.23
N LEU A 55 -3.41 -13.87 -38.62
CA LEU A 55 -3.31 -15.12 -37.88
C LEU A 55 -1.86 -15.44 -37.60
N ILE A 56 -1.56 -15.74 -36.35
CA ILE A 56 -0.26 -16.20 -35.91
C ILE A 56 -0.34 -17.70 -35.63
N TRP A 57 0.79 -18.38 -35.82
CA TRP A 57 1.01 -19.75 -35.35
C TRP A 57 2.21 -19.79 -34.43
N TYR A 58 1.99 -20.32 -33.22
CA TYR A 58 3.03 -20.49 -32.21
C TYR A 58 3.35 -21.96 -31.99
N GLN A 59 4.58 -22.21 -31.57
CA GLN A 59 5.04 -23.51 -31.11
C GLN A 59 5.40 -23.39 -29.64
N GLN A 60 4.84 -24.27 -28.81
CA GLN A 60 5.14 -24.26 -27.37
C GLN A 60 5.71 -25.61 -26.94
N LYS A 61 7.02 -25.69 -26.78
CA LYS A 61 7.60 -26.93 -26.30
C LYS A 61 7.34 -27.09 -24.80
N PRO A 62 7.34 -28.32 -24.32
CA PRO A 62 6.92 -28.58 -22.93
C PRO A 62 7.79 -27.82 -21.93
N GLY A 63 7.14 -27.13 -21.01
CA GLY A 63 7.78 -26.26 -20.03
C GLY A 63 8.21 -24.89 -20.50
N LYS A 64 8.06 -24.57 -21.78
CA LYS A 64 8.54 -23.32 -22.36
C LYS A 64 7.37 -22.44 -22.77
N ALA A 65 7.72 -21.22 -23.14
CA ALA A 65 6.75 -20.27 -23.64
C ALA A 65 6.45 -20.56 -25.10
N PRO A 66 5.30 -20.11 -25.59
CA PRO A 66 5.04 -20.19 -27.03
C PRO A 66 6.05 -19.34 -27.78
N LYS A 67 6.45 -19.84 -28.96
CA LYS A 67 7.39 -19.16 -29.82
C LYS A 67 6.74 -18.96 -31.18
N LEU A 68 6.78 -17.72 -31.68
CA LEU A 68 6.09 -17.41 -32.92
C LEU A 68 6.83 -18.05 -34.09
N LEU A 69 6.08 -18.77 -34.92
CA LEU A 69 6.61 -19.36 -36.15
C LEU A 69 6.13 -18.63 -37.39
N ILE A 70 4.84 -18.33 -37.46
CA ILE A 70 4.20 -17.77 -38.64
C ILE A 70 3.32 -16.59 -38.25
N TYR A 71 3.39 -15.53 -39.04
CA TYR A 71 2.54 -14.36 -38.86
C TYR A 71 1.91 -14.03 -40.22
N ASP A 72 0.89 -13.17 -40.19
CA ASP A 72 0.13 -12.80 -41.38
C ASP A 72 -0.39 -14.03 -42.14
N ALA A 73 -0.77 -15.06 -41.38
CA ALA A 73 -1.29 -16.33 -41.90
C ALA A 73 -0.26 -17.22 -42.58
N SER A 74 0.69 -16.63 -43.30
CA SER A 74 1.52 -17.39 -44.21
C SER A 74 2.98 -16.95 -44.23
N ASN A 75 3.36 -15.95 -43.45
CA ASN A 75 4.73 -15.46 -43.42
C ASN A 75 5.47 -16.09 -42.25
N LEU A 76 6.66 -16.62 -42.53
CA LEU A 76 7.48 -17.30 -41.53
C LEU A 76 8.43 -16.28 -40.90
N GLU A 77 8.65 -16.39 -39.59
CA GLU A 77 9.67 -15.50 -39.06
C GLU A 77 11.07 -16.03 -39.36
N THR A 78 12.05 -15.17 -39.09
CA THR A 78 13.45 -15.48 -39.35
C THR A 78 13.90 -16.63 -38.45
N GLY A 79 14.77 -17.48 -38.96
CA GLY A 79 15.30 -18.57 -38.17
C GLY A 79 14.38 -19.75 -38.04
N VAL A 80 13.17 -19.63 -38.59
CA VAL A 80 12.17 -20.69 -38.54
C VAL A 80 12.57 -21.74 -39.59
N PRO A 81 12.68 -23.02 -39.23
CA PRO A 81 13.03 -24.01 -40.25
C PRO A 81 12.08 -23.96 -41.44
N SER A 82 12.65 -24.18 -42.64
CA SER A 82 11.90 -24.14 -43.88
C SER A 82 10.83 -25.23 -43.97
N ARG A 83 10.90 -26.27 -43.15
CA ARG A 83 9.88 -27.32 -43.16
C ARG A 83 8.52 -26.82 -42.66
N PHE A 84 8.47 -25.66 -42.03
CA PHE A 84 7.25 -25.07 -41.53
C PHE A 84 6.63 -24.17 -42.59
N SER A 85 5.32 -24.26 -42.73
CA SER A 85 4.59 -23.35 -43.62
C SER A 85 3.20 -23.09 -43.07
N GLY A 86 2.62 -21.98 -43.51
CA GLY A 86 1.26 -21.64 -43.16
C GLY A 86 0.53 -21.11 -44.38
N SER A 87 -0.78 -21.37 -44.41
CA SER A 87 -1.61 -20.90 -45.51
C SER A 87 -3.00 -20.54 -45.00
N GLY A 88 -3.75 -19.88 -45.87
CA GLY A 88 -5.13 -19.52 -45.64
C GLY A 88 -5.32 -18.02 -45.54
N SER A 89 -6.60 -17.64 -45.55
CA SER A 89 -7.05 -16.26 -45.43
C SER A 89 -8.56 -16.26 -45.29
N GLY A 90 -9.07 -15.36 -44.46
CA GLY A 90 -10.50 -15.29 -44.20
C GLY A 90 -10.90 -15.98 -42.91
N THR A 91 -11.42 -17.21 -42.99
CA THR A 91 -11.88 -17.93 -41.82
C THR A 91 -11.19 -19.28 -41.61
N ASP A 92 -10.52 -19.82 -42.63
CA ASP A 92 -9.88 -21.12 -42.56
C ASP A 92 -8.39 -20.98 -42.82
N PHE A 93 -7.59 -21.60 -41.95
CA PHE A 93 -6.14 -21.51 -42.00
C PHE A 93 -5.52 -22.88 -41.77
N THR A 94 -4.33 -23.06 -42.33
CA THR A 94 -3.62 -24.34 -42.25
C THR A 94 -2.17 -24.08 -41.90
N PHE A 95 -1.65 -24.90 -41.00
CA PHE A 95 -0.24 -24.94 -40.67
C PHE A 95 0.31 -26.31 -41.05
N THR A 96 1.43 -26.32 -41.76
CA THR A 96 2.00 -27.56 -42.28
C THR A 96 3.46 -27.68 -41.86
N ILE A 97 3.83 -28.86 -41.40
CA ILE A 97 5.23 -29.28 -41.26
C ILE A 97 5.52 -30.30 -42.35
N SER A 98 6.45 -29.96 -43.24
CA SER A 98 6.69 -30.77 -44.43
C SER A 98 7.31 -32.11 -44.06
N SER A 99 8.15 -32.13 -43.03
CA SER A 99 8.90 -33.32 -42.65
C SER A 99 9.11 -33.27 -41.14
N LEU A 100 8.29 -34.02 -40.40
CA LEU A 100 8.28 -33.89 -38.95
C LEU A 100 9.64 -34.30 -38.39
N GLN A 101 10.17 -33.50 -37.49
CA GLN A 101 11.41 -33.79 -36.78
C GLN A 101 11.25 -33.93 -35.27
N PRO A 102 12.19 -34.61 -34.61
CA PRO A 102 12.06 -34.80 -33.15
C PRO A 102 11.96 -33.48 -32.41
N GLU A 103 12.64 -32.42 -32.87
CA GLU A 103 12.56 -31.18 -32.12
C GLU A 103 11.20 -30.51 -32.26
N ASP A 104 10.33 -31.08 -33.10
CA ASP A 104 9.02 -30.49 -33.35
C ASP A 104 7.94 -30.99 -32.38
N ILE A 105 8.24 -31.97 -31.51
CA ILE A 105 7.30 -32.35 -30.45
C ILE A 105 6.97 -31.08 -29.68
N ALA A 106 5.68 -30.74 -29.66
CA ALA A 106 5.24 -29.47 -29.10
C ALA A 106 3.72 -29.44 -29.23
N THR A 107 3.14 -28.42 -28.64
CA THR A 107 1.76 -28.04 -28.89
C THR A 107 1.77 -26.78 -29.74
N TYR A 108 0.98 -26.80 -30.81
CA TYR A 108 0.92 -25.67 -31.72
C TYR A 108 -0.40 -24.97 -31.47
N TYR A 109 -0.37 -23.64 -31.56
CA TYR A 109 -1.53 -22.80 -31.35
C TYR A 109 -1.61 -21.79 -32.47
N CYS A 110 -2.82 -21.58 -32.96
CA CYS A 110 -3.09 -20.41 -33.76
C CYS A 110 -3.57 -19.30 -32.83
N GLN A 111 -3.40 -18.06 -33.29
CA GLN A 111 -3.87 -16.91 -32.52
C GLN A 111 -4.24 -15.83 -33.54
N GLN A 112 -5.42 -15.25 -33.38
CA GLN A 112 -5.81 -14.11 -34.19
C GLN A 112 -5.39 -12.83 -33.50
N TYR A 113 -5.00 -11.84 -34.29
CA TYR A 113 -4.63 -10.52 -33.79
C TYR A 113 -5.34 -9.49 -34.65
N HIS A 114 -6.56 -9.84 -35.06
CA HIS A 114 -7.44 -8.91 -35.73
C HIS A 114 -8.10 -7.96 -34.75
N ASN A 115 -8.56 -8.47 -33.62
CA ASN A 115 -9.27 -7.63 -32.67
C ASN A 115 -9.04 -8.07 -31.24
N LEU A 116 -8.75 -7.13 -30.35
CA LEU A 116 -8.53 -7.54 -28.98
C LEU A 116 -9.90 -7.96 -28.48
N PRO A 117 -10.03 -8.97 -27.63
CA PRO A 117 -8.88 -9.79 -27.20
C PRO A 117 -8.36 -10.73 -28.29
N TYR A 118 -7.06 -11.00 -28.21
CA TYR A 118 -6.32 -11.86 -29.14
C TYR A 118 -6.48 -13.34 -28.79
N THR A 119 -7.45 -14.00 -29.41
CA THR A 119 -7.87 -15.30 -28.94
C THR A 119 -6.98 -16.41 -29.51
N PHE A 120 -6.85 -17.48 -28.74
CA PHE A 120 -6.03 -18.65 -29.04
C PHE A 120 -6.91 -19.77 -29.53
N GLY A 121 -6.33 -20.60 -30.40
CA GLY A 121 -6.90 -21.90 -30.61
C GLY A 121 -6.70 -22.74 -29.38
N PRO A 122 -7.36 -23.89 -29.30
CA PRO A 122 -7.28 -24.70 -28.08
C PRO A 122 -6.07 -25.62 -28.06
N GLY A 123 -5.25 -25.55 -29.09
CA GLY A 123 -3.98 -26.24 -29.14
C GLY A 123 -4.09 -27.53 -29.93
N THR A 124 -2.96 -27.95 -30.48
CA THR A 124 -2.82 -29.25 -31.12
C THR A 124 -1.56 -29.87 -30.53
N LYS A 125 -1.71 -30.96 -29.79
CA LYS A 125 -0.57 -31.64 -29.21
C LYS A 125 -0.02 -32.67 -30.18
N LEU A 126 1.21 -32.45 -30.62
CA LEU A 126 1.86 -33.29 -31.63
C LEU A 126 2.89 -34.17 -30.94
N GLU A 127 2.79 -35.49 -31.11
CA GLU A 127 3.80 -36.36 -30.53
C GLU A 127 4.40 -37.27 -31.61
N ILE A 128 5.59 -37.77 -31.33
CA ILE A 128 6.29 -38.77 -32.13
C ILE A 128 5.99 -40.18 -31.64
N LYS A 129 5.71 -41.08 -32.59
CA LYS A 129 5.41 -42.51 -32.37
C LYS A 129 3.90 -42.69 -32.31
N THR B 22 12.59 -4.09 -33.41
CA THR B 22 13.02 -5.41 -33.96
C THR B 22 12.68 -6.55 -32.98
N ASP B 23 13.64 -7.46 -32.76
CA ASP B 23 13.43 -8.63 -31.91
C ASP B 23 13.39 -8.22 -30.44
N ILE B 24 12.22 -7.77 -29.99
CA ILE B 24 12.04 -7.38 -28.59
C ILE B 24 12.10 -8.62 -27.70
N GLN B 25 12.92 -8.56 -26.65
CA GLN B 25 13.08 -9.65 -25.70
C GLN B 25 12.26 -9.37 -24.45
N MET B 26 11.40 -10.32 -24.06
CA MET B 26 10.57 -10.21 -22.87
C MET B 26 11.13 -11.05 -21.72
N THR B 27 11.47 -10.40 -20.61
CA THR B 27 12.02 -11.07 -19.43
C THR B 27 10.91 -11.13 -18.39
N GLN B 28 10.91 -12.17 -17.57
CA GLN B 28 9.82 -12.34 -16.63
C GLN B 28 10.36 -12.99 -15.36
N SER B 29 9.92 -12.49 -14.21
N SER B 29 9.97 -12.45 -14.21
CA SER B 29 10.45 -12.92 -12.92
CA SER B 29 10.45 -12.93 -12.91
C SER B 29 9.31 -12.92 -11.90
C SER B 29 9.28 -12.95 -11.94
N PRO B 30 9.24 -13.90 -11.00
CA PRO B 30 10.21 -15.00 -10.97
C PRO B 30 9.84 -16.11 -11.95
N SER B 31 10.71 -17.11 -12.03
N SER B 31 10.73 -17.09 -12.07
CA SER B 31 10.47 -18.25 -12.91
CA SER B 31 10.45 -18.24 -12.93
C SER B 31 9.40 -19.16 -12.34
C SER B 31 9.42 -19.20 -12.35
N SER B 32 9.47 -19.45 -11.04
CA SER B 32 8.46 -20.29 -10.40
C SER B 32 8.30 -19.81 -8.96
N LEU B 33 7.13 -20.11 -8.39
CA LEU B 33 6.91 -19.81 -6.98
C LEU B 33 5.76 -20.62 -6.41
N SER B 34 5.86 -20.90 -5.11
CA SER B 34 4.83 -21.60 -4.35
C SER B 34 4.33 -20.66 -3.28
N ALA B 35 3.02 -20.69 -3.02
CA ALA B 35 2.42 -19.83 -2.00
C ALA B 35 1.20 -20.52 -1.42
N SER B 36 0.61 -19.88 -0.42
CA SER B 36 -0.53 -20.42 0.29
C SER B 36 -1.80 -19.75 -0.21
N VAL B 37 -2.92 -20.45 -0.02
CA VAL B 37 -4.22 -19.86 -0.33
C VAL B 37 -4.36 -18.57 0.45
N GLY B 38 -4.81 -17.50 -0.24
CA GLY B 38 -4.95 -16.21 0.40
C GLY B 38 -3.75 -15.28 0.35
N ASP B 39 -2.59 -15.70 -0.13
CA ASP B 39 -1.47 -14.77 -0.14
C ASP B 39 -1.55 -13.82 -1.34
N ARG B 40 -0.91 -12.65 -1.19
CA ARG B 40 -0.73 -11.74 -2.31
C ARG B 40 0.47 -12.21 -3.15
N VAL B 41 0.28 -12.28 -4.47
CA VAL B 41 1.34 -12.64 -5.41
C VAL B 41 1.63 -11.51 -6.39
N THR B 42 2.91 -11.17 -6.57
CA THR B 42 3.34 -10.09 -7.45
C THR B 42 4.38 -10.65 -8.42
N ILE B 43 4.07 -10.53 -9.71
CA ILE B 43 4.85 -11.05 -10.83
C ILE B 43 5.24 -9.90 -11.74
N THR B 44 6.45 -9.97 -12.27
CA THR B 44 7.00 -8.94 -13.14
C THR B 44 7.27 -9.47 -14.54
N CYS B 45 7.35 -8.52 -15.46
CA CYS B 45 7.61 -8.73 -16.87
C CYS B 45 8.35 -7.49 -17.32
N GLN B 46 9.57 -7.67 -17.79
CA GLN B 46 10.39 -6.58 -18.29
C GLN B 46 10.59 -6.69 -19.79
N ALA B 47 10.35 -5.61 -20.51
CA ALA B 47 10.65 -5.58 -21.93
C ALA B 47 12.04 -4.99 -22.16
N SER B 48 12.72 -5.49 -23.19
CA SER B 48 14.03 -5.02 -23.57
C SER B 48 13.98 -3.71 -24.32
N GLN B 49 12.79 -3.28 -24.74
CA GLN B 49 12.59 -1.99 -25.35
C GLN B 49 11.21 -1.47 -24.99
N ASP B 50 11.04 -0.16 -25.14
CA ASP B 50 9.77 0.49 -24.80
C ASP B 50 8.64 -0.07 -25.65
N ILE B 51 7.65 -0.68 -25.02
CA ILE B 51 6.52 -1.27 -25.71
C ILE B 51 5.23 -0.51 -25.39
N SER B 52 5.37 0.72 -24.89
CA SER B 52 4.24 1.57 -24.50
C SER B 52 3.42 0.76 -23.50
N ASN B 53 2.10 0.66 -23.65
CA ASN B 53 1.28 -0.19 -22.80
C ASN B 53 0.71 -1.39 -23.55
N TYR B 54 1.38 -1.81 -24.61
CA TYR B 54 0.94 -2.96 -25.38
C TYR B 54 1.46 -4.26 -24.75
N LEU B 55 0.91 -4.57 -23.59
CA LEU B 55 1.29 -5.77 -22.86
C LEU B 55 0.04 -6.54 -22.48
N ILE B 56 0.05 -7.82 -22.81
CA ILE B 56 -0.96 -8.78 -22.41
C ILE B 56 -0.41 -9.66 -21.31
N TRP B 57 -1.30 -10.14 -20.45
CA TRP B 57 -1.01 -11.20 -19.50
C TRP B 57 -1.94 -12.38 -19.71
N TYR B 58 -1.35 -13.55 -19.90
CA TYR B 58 -2.11 -14.78 -20.08
C TYR B 58 -1.94 -15.72 -18.91
N GLN B 59 -2.97 -16.53 -18.69
CA GLN B 59 -2.94 -17.63 -17.74
C GLN B 59 -3.09 -18.91 -18.54
N GLN B 60 -2.18 -19.86 -18.32
CA GLN B 60 -2.21 -21.15 -19.01
C GLN B 60 -2.28 -22.27 -17.99
N LYS B 61 -3.47 -22.83 -17.79
CA LYS B 61 -3.59 -23.95 -16.89
C LYS B 61 -3.05 -25.20 -17.57
N PRO B 62 -2.61 -26.19 -16.79
CA PRO B 62 -1.92 -27.35 -17.38
C PRO B 62 -2.77 -28.08 -18.40
N GLY B 63 -2.19 -28.32 -19.58
CA GLY B 63 -2.87 -28.92 -20.72
C GLY B 63 -3.76 -28.02 -21.56
N LYS B 64 -3.95 -26.77 -21.20
CA LYS B 64 -4.87 -25.84 -21.85
C LYS B 64 -4.13 -24.75 -22.58
N ALA B 65 -4.90 -23.99 -23.35
CA ALA B 65 -4.40 -22.84 -24.06
C ALA B 65 -4.29 -21.64 -23.12
N PRO B 66 -3.46 -20.67 -23.47
CA PRO B 66 -3.46 -19.41 -22.72
C PRO B 66 -4.80 -18.71 -22.81
N LYS B 67 -5.18 -18.06 -21.71
CA LYS B 67 -6.42 -17.30 -21.61
C LYS B 67 -6.05 -15.86 -21.25
N LEU B 68 -6.43 -14.94 -22.12
CA LEU B 68 -6.11 -13.54 -21.89
C LEU B 68 -6.75 -13.07 -20.60
N LEU B 69 -5.95 -12.47 -19.72
CA LEU B 69 -6.48 -11.87 -18.51
C LEU B 69 -6.49 -10.35 -18.59
N ILE B 70 -5.38 -9.78 -19.05
CA ILE B 70 -5.16 -8.35 -19.05
C ILE B 70 -4.62 -7.92 -20.41
N TYR B 71 -5.14 -6.81 -20.94
CA TYR B 71 -4.63 -6.23 -22.17
C TYR B 71 -4.39 -4.75 -21.89
N ASP B 72 -3.67 -4.09 -22.80
CA ASP B 72 -3.29 -2.69 -22.63
C ASP B 72 -2.62 -2.46 -21.27
N ALA B 73 -1.84 -3.45 -20.84
CA ALA B 73 -1.12 -3.46 -19.57
C ALA B 73 -1.96 -3.61 -18.31
N SER B 74 -3.17 -3.03 -18.28
CA SER B 74 -3.89 -2.88 -17.02
C SER B 74 -5.40 -3.10 -17.12
N ASN B 75 -5.93 -3.42 -18.30
CA ASN B 75 -7.36 -3.64 -18.48
C ASN B 75 -7.68 -5.13 -18.41
N LEU B 76 -8.72 -5.47 -17.64
CA LEU B 76 -9.11 -6.86 -17.44
C LEU B 76 -10.14 -7.20 -18.52
N GLU B 77 -10.05 -8.41 -19.08
CA GLU B 77 -11.11 -8.79 -19.98
C GLU B 77 -12.35 -9.26 -19.20
N THR B 78 -13.44 -9.47 -19.94
CA THR B 78 -14.70 -9.87 -19.34
C THR B 78 -14.59 -11.22 -18.67
N GLY B 79 -15.23 -11.37 -17.52
CA GLY B 79 -15.26 -12.61 -16.79
C GLY B 79 -14.02 -12.90 -15.98
N VAL B 80 -13.02 -12.03 -16.03
CA VAL B 80 -11.78 -12.25 -15.29
C VAL B 80 -12.04 -11.87 -13.83
N PRO B 81 -11.77 -12.74 -12.86
CA PRO B 81 -11.96 -12.36 -11.46
C PRO B 81 -11.18 -11.10 -11.10
N SER B 82 -11.80 -10.29 -10.23
CA SER B 82 -11.24 -9.03 -9.76
C SER B 82 -9.93 -9.18 -9.00
N ARG B 83 -9.61 -10.39 -8.54
CA ARG B 83 -8.34 -10.60 -7.83
C ARG B 83 -7.13 -10.40 -8.70
N PHE B 84 -7.29 -10.41 -10.02
CA PHE B 84 -6.19 -10.17 -10.94
C PHE B 84 -6.11 -8.70 -11.30
N SER B 85 -4.90 -8.16 -11.33
CA SER B 85 -4.70 -6.80 -11.79
C SER B 85 -3.35 -6.74 -12.49
N GLY B 86 -3.19 -5.71 -13.32
CA GLY B 86 -1.93 -5.47 -14.01
C GLY B 86 -1.58 -4.00 -13.98
N SER B 87 -0.27 -3.75 -13.98
CA SER B 87 0.21 -2.39 -13.96
C SER B 87 1.49 -2.30 -14.78
N GLY B 88 1.92 -1.07 -15.01
CA GLY B 88 3.17 -0.75 -15.67
C GLY B 88 2.95 -0.08 -17.01
N SER B 89 4.05 0.42 -17.54
CA SER B 89 4.07 1.09 -18.83
C SER B 89 5.52 1.36 -19.19
N GLY B 90 5.86 1.19 -20.46
CA GLY B 90 7.23 1.38 -20.90
C GLY B 90 8.01 0.10 -21.03
N THR B 91 8.83 -0.20 -20.02
CA THR B 91 9.67 -1.38 -20.03
C THR B 91 9.45 -2.30 -18.86
N ASP B 92 8.79 -1.84 -17.80
CA ASP B 92 8.57 -2.61 -16.59
C ASP B 92 7.07 -2.74 -16.36
N PHE B 93 6.63 -3.97 -16.09
CA PHE B 93 5.23 -4.29 -15.91
C PHE B 93 5.08 -5.23 -14.72
N THR B 94 3.91 -5.17 -14.08
CA THR B 94 3.63 -6.00 -12.92
CA THR B 94 3.63 -5.98 -12.91
C THR B 94 2.24 -6.58 -13.04
N PHE B 95 2.12 -7.85 -12.70
CA PHE B 95 0.86 -8.56 -12.58
C PHE B 95 0.68 -9.00 -11.14
N THR B 96 -0.48 -8.74 -10.55
CA THR B 96 -0.71 -9.02 -9.14
C THR B 96 -1.99 -9.85 -8.99
N ILE B 97 -1.90 -10.89 -8.17
CA ILE B 97 -3.06 -11.61 -7.65
C ILE B 97 -3.23 -11.22 -6.18
N SER B 98 -4.36 -10.58 -5.86
CA SER B 98 -4.53 -10.01 -4.53
C SER B 98 -4.66 -11.09 -3.46
N SER B 99 -5.29 -12.22 -3.81
CA SER B 99 -5.56 -13.28 -2.85
C SER B 99 -5.54 -14.60 -3.62
N LEU B 100 -4.43 -15.33 -3.53
CA LEU B 100 -4.25 -16.49 -4.37
C LEU B 100 -5.30 -17.54 -4.04
N GLN B 101 -5.91 -18.11 -5.08
CA GLN B 101 -6.88 -19.20 -4.98
C GLN B 101 -6.42 -20.47 -5.65
N PRO B 102 -6.99 -21.62 -5.26
CA PRO B 102 -6.58 -22.90 -5.87
C PRO B 102 -6.70 -22.90 -7.38
N GLU B 103 -7.71 -22.21 -7.91
CA GLU B 103 -7.90 -22.23 -9.36
C GLU B 103 -6.83 -21.45 -10.11
N ASP B 104 -5.93 -20.76 -9.40
CA ASP B 104 -4.90 -19.95 -10.04
C ASP B 104 -3.64 -20.73 -10.34
N ILE B 105 -3.54 -21.98 -9.89
CA ILE B 105 -2.42 -22.83 -10.27
C ILE B 105 -2.36 -22.82 -11.80
N ALA B 106 -1.25 -22.35 -12.33
CA ALA B 106 -1.11 -22.13 -13.76
C ALA B 106 0.29 -21.57 -13.99
N THR B 107 0.65 -21.44 -15.26
CA THR B 107 1.79 -20.66 -15.68
C THR B 107 1.27 -19.37 -16.29
N TYR B 108 1.83 -18.24 -15.87
CA TYR B 108 1.38 -16.95 -16.36
C TYR B 108 2.43 -16.45 -17.34
N TYR B 109 1.97 -15.79 -18.40
CA TYR B 109 2.84 -15.24 -19.42
C TYR B 109 2.44 -13.82 -19.74
N CYS B 110 3.43 -12.97 -19.89
CA CYS B 110 3.21 -11.69 -20.54
C CYS B 110 3.49 -11.82 -22.02
N GLN B 111 2.89 -10.92 -22.80
CA GLN B 111 3.11 -10.86 -24.24
C GLN B 111 2.95 -9.42 -24.67
N GLN B 112 3.92 -8.92 -25.43
CA GLN B 112 3.77 -7.60 -26.04
C GLN B 112 3.14 -7.73 -27.42
N TYR B 113 2.29 -6.74 -27.75
CA TYR B 113 1.63 -6.64 -29.05
C TYR B 113 1.79 -5.22 -29.55
N HIS B 114 2.92 -4.63 -29.19
CA HIS B 114 3.38 -3.35 -29.70
C HIS B 114 4.00 -3.53 -31.08
N ASN B 115 4.80 -4.58 -31.24
CA ASN B 115 5.52 -4.76 -32.49
C ASN B 115 5.77 -6.20 -32.93
N LEU B 116 5.49 -6.52 -34.19
CA LEU B 116 5.72 -7.89 -34.66
C LEU B 116 7.22 -8.10 -34.80
N PRO B 117 7.73 -9.30 -34.53
CA PRO B 117 6.90 -10.39 -34.01
C PRO B 117 6.50 -10.16 -32.56
N TYR B 118 5.32 -10.68 -32.22
CA TYR B 118 4.82 -10.50 -30.86
C TYR B 118 5.48 -11.55 -29.97
N THR B 119 5.98 -11.11 -28.84
CA THR B 119 6.88 -11.93 -28.07
C THR B 119 6.35 -12.19 -26.67
N PHE B 120 6.72 -13.36 -26.17
CA PHE B 120 6.37 -13.87 -24.85
C PHE B 120 7.53 -13.74 -23.89
N GLY B 121 7.17 -13.50 -22.63
CA GLY B 121 8.04 -13.76 -21.53
C GLY B 121 8.19 -15.26 -21.41
N PRO B 122 9.14 -15.70 -20.59
CA PRO B 122 9.42 -17.13 -20.47
C PRO B 122 8.53 -17.85 -19.47
N GLY B 123 7.61 -17.13 -18.85
CA GLY B 123 6.59 -17.72 -18.02
C GLY B 123 6.91 -17.61 -16.54
N THR B 124 5.86 -17.64 -15.72
CA THR B 124 5.97 -17.74 -14.27
C THR B 124 5.03 -18.84 -13.83
N LYS B 125 5.60 -19.93 -13.32
CA LYS B 125 4.81 -21.05 -12.82
C LYS B 125 4.46 -20.85 -11.36
N LEU B 126 3.18 -20.69 -11.07
CA LEU B 126 2.70 -20.42 -9.73
C LEU B 126 2.02 -21.68 -9.17
N GLU B 127 2.48 -22.15 -8.00
CA GLU B 127 1.85 -23.30 -7.36
C GLU B 127 1.43 -22.96 -5.92
N ILE B 128 0.48 -23.74 -5.40
CA ILE B 128 0.05 -23.72 -4.00
C ILE B 128 0.82 -24.70 -3.14
N LYS B 129 1.25 -24.24 -1.97
CA LYS B 129 1.99 -24.99 -0.93
C LYS B 129 3.46 -24.62 -0.99
N THR C 22 0.69 -12.05 23.16
CA THR C 22 0.91 -13.47 23.56
C THR C 22 1.62 -14.22 22.42
N ASP C 23 1.05 -15.35 22.00
CA ASP C 23 1.67 -16.18 20.97
C ASP C 23 1.59 -15.53 19.59
N ILE C 24 2.52 -14.65 19.26
CA ILE C 24 2.51 -14.01 17.94
C ILE C 24 2.81 -15.06 16.86
N GLN C 25 1.96 -15.10 15.83
CA GLN C 25 2.12 -16.03 14.72
C GLN C 25 2.76 -15.28 13.56
N MET C 26 3.86 -15.82 13.05
CA MET C 26 4.55 -15.22 11.91
C MET C 26 4.26 -16.01 10.65
N THR C 27 3.64 -15.37 9.68
CA THR C 27 3.31 -16.00 8.41
C THR C 27 4.32 -15.45 7.43
N GLN C 28 4.62 -16.23 6.39
CA GLN C 28 5.67 -15.79 5.48
C GLN C 28 5.31 -16.28 4.09
N SER C 29 5.45 -15.39 3.11
CA SER C 29 5.08 -15.69 1.74
C SER C 29 6.16 -15.11 0.82
N PRO C 30 6.50 -15.79 -0.25
CA PRO C 30 6.00 -17.15 -0.50
C PRO C 30 6.75 -18.21 0.30
N SER C 31 6.26 -19.45 0.18
N SER C 31 6.25 -19.46 0.21
CA SER C 31 6.91 -20.57 0.84
CA SER C 31 6.93 -20.57 0.86
C SER C 31 8.22 -20.95 0.14
C SER C 31 8.21 -20.96 0.15
N SER C 32 8.23 -20.94 -1.19
CA SER C 32 9.44 -21.22 -1.93
C SER C 32 9.35 -20.43 -3.24
N LEU C 33 10.51 -20.14 -3.83
CA LEU C 33 10.48 -19.52 -5.14
C LEU C 33 11.81 -19.70 -5.85
N SER C 34 11.74 -19.76 -7.18
CA SER C 34 12.90 -19.86 -8.04
C SER C 34 12.93 -18.64 -8.94
N ALA C 35 14.13 -18.13 -9.20
CA ALA C 35 14.32 -16.96 -10.04
C ALA C 35 15.69 -17.08 -10.70
N SER C 36 16.00 -16.14 -11.57
CA SER C 36 17.26 -16.18 -12.30
C SER C 36 18.26 -15.22 -11.66
N VAL C 37 19.54 -15.51 -11.90
CA VAL C 37 20.61 -14.63 -11.46
C VAL C 37 20.40 -13.23 -12.03
N GLY C 38 20.53 -12.22 -11.16
CA GLY C 38 20.32 -10.84 -11.55
C GLY C 38 18.91 -10.32 -11.42
N ASP C 39 17.94 -11.17 -11.09
CA ASP C 39 16.58 -10.66 -10.97
C ASP C 39 16.37 -10.00 -9.61
N ARG C 40 15.39 -9.10 -9.53
CA ARG C 40 14.97 -8.58 -8.24
C ARG C 40 14.01 -9.56 -7.59
N VAL C 41 14.26 -9.89 -6.31
CA VAL C 41 13.40 -10.79 -5.53
C VAL C 41 12.81 -10.08 -4.31
N THR C 42 11.50 -10.22 -4.11
CA THR C 42 10.78 -9.60 -3.01
C THR C 42 9.98 -10.68 -2.28
N ILE C 43 10.27 -10.85 -0.98
CA ILE C 43 9.64 -11.86 -0.11
C ILE C 43 9.01 -11.09 1.05
N THR C 44 7.84 -11.54 1.49
CA THR C 44 7.09 -10.88 2.55
C THR C 44 6.91 -11.73 3.79
N CYS C 45 6.58 -11.03 4.86
CA CYS C 45 6.37 -11.58 6.19
C CYS C 45 5.30 -10.76 6.90
N GLN C 46 4.23 -11.44 7.29
CA GLN C 46 3.12 -10.85 8.00
C GLN C 46 3.12 -11.37 9.44
N ALA C 47 2.98 -10.46 10.40
CA ALA C 47 2.85 -10.79 11.81
C ALA C 47 1.38 -10.85 12.22
N SER C 48 1.09 -11.72 13.19
CA SER C 48 -0.31 -11.84 13.63
C SER C 48 -0.77 -10.70 14.51
N GLN C 49 0.14 -9.87 15.03
CA GLN C 49 -0.23 -8.65 15.71
C GLN C 49 0.91 -7.64 15.52
N ASP C 50 0.59 -6.38 15.75
CA ASP C 50 1.56 -5.29 15.56
C ASP C 50 2.80 -5.46 16.42
N ILE C 51 3.96 -5.58 15.76
CA ILE C 51 5.26 -5.75 16.40
C ILE C 51 6.16 -4.54 16.14
N SER C 52 5.56 -3.40 15.77
CA SER C 52 6.32 -2.18 15.46
C SER C 52 7.32 -2.55 14.37
N ASN C 53 8.61 -2.20 14.51
CA ASN C 53 9.64 -2.62 13.57
C ASN C 53 10.61 -3.62 14.21
N TYR C 54 10.16 -4.38 15.20
CA TYR C 54 11.01 -5.39 15.85
C TYR C 54 10.95 -6.70 15.07
N LEU C 55 11.55 -6.65 13.88
CA LEU C 55 11.59 -7.81 13.00
C LEU C 55 13.02 -8.02 12.52
N ILE C 56 13.47 -9.25 12.64
CA ILE C 56 14.76 -9.69 12.12
C ILE C 56 14.51 -10.51 10.86
N TRP C 57 15.48 -10.49 9.94
CA TRP C 57 15.55 -11.41 8.83
C TRP C 57 16.84 -12.19 8.86
N TYR C 58 16.71 -13.52 8.83
CA TYR C 58 17.84 -14.42 8.81
C TYR C 58 17.93 -15.13 7.47
N GLN C 59 19.16 -15.49 7.11
CA GLN C 59 19.44 -16.35 5.97
C GLN C 59 20.08 -17.60 6.54
N GLN C 60 19.55 -18.77 6.19
CA GLN C 60 20.10 -20.04 6.68
C GLN C 60 20.51 -20.94 5.52
N LYS C 61 21.80 -21.01 5.23
CA LYS C 61 22.24 -21.93 4.19
C LYS C 61 22.22 -23.36 4.74
N PRO C 62 22.10 -24.34 3.84
CA PRO C 62 21.89 -25.73 4.27
C PRO C 62 23.00 -26.25 5.18
N GLY C 63 22.60 -26.84 6.31
CA GLY C 63 23.51 -27.32 7.34
C GLY C 63 24.10 -26.32 8.30
N LYS C 64 23.83 -25.02 8.13
CA LYS C 64 24.44 -23.96 8.92
C LYS C 64 23.41 -23.31 9.83
N ALA C 65 23.94 -22.46 10.70
CA ALA C 65 23.12 -21.67 11.59
C ALA C 65 22.54 -20.48 10.83
N PRO C 66 21.43 -19.92 11.34
CA PRO C 66 20.94 -18.66 10.78
C PRO C 66 21.94 -17.54 10.95
N LYS C 67 21.99 -16.68 9.95
CA LYS C 67 22.85 -15.50 9.93
C LYS C 67 21.97 -14.28 9.78
N LEU C 68 22.20 -13.28 10.62
CA LEU C 68 21.34 -12.12 10.65
C LEU C 68 21.69 -11.23 9.46
N LEU C 69 20.68 -10.84 8.69
CA LEU C 69 20.89 -9.90 7.61
C LEU C 69 20.35 -8.52 7.95
N ILE C 70 19.13 -8.48 8.47
CA ILE C 70 18.41 -7.25 8.73
C ILE C 70 17.79 -7.31 10.11
N TYR C 71 17.90 -6.23 10.87
CA TYR C 71 17.26 -6.10 12.17
C TYR C 71 16.52 -4.78 12.18
N ASP C 72 15.63 -4.61 13.16
CA ASP C 72 14.79 -3.42 13.26
C ASP C 72 14.05 -3.16 11.95
N ALA C 73 13.66 -4.24 11.26
CA ALA C 73 12.95 -4.21 9.99
C ALA C 73 13.76 -3.75 8.77
N SER C 74 14.68 -2.79 8.96
CA SER C 74 15.29 -2.08 7.84
C SER C 74 16.77 -1.78 8.03
N ASN C 75 17.38 -2.22 9.12
CA ASN C 75 18.79 -1.94 9.36
C ASN C 75 19.61 -3.11 8.86
N LEU C 76 20.67 -2.80 8.13
CA LEU C 76 21.52 -3.81 7.53
C LEU C 76 22.58 -4.14 8.55
N GLU C 77 22.91 -5.42 8.68
CA GLU C 77 24.02 -5.70 9.56
C GLU C 77 25.37 -5.45 8.88
N THR C 78 26.41 -5.47 9.71
CA THR C 78 27.77 -5.21 9.27
C THR C 78 28.25 -6.32 8.34
N GLY C 79 28.87 -5.96 7.23
CA GLY C 79 29.43 -6.92 6.31
C GLY C 79 28.43 -7.58 5.38
N VAL C 80 27.15 -7.28 5.55
CA VAL C 80 26.09 -7.85 4.71
C VAL C 80 26.09 -7.10 3.38
N PRO C 81 26.16 -7.78 2.25
CA PRO C 81 26.11 -7.06 0.96
C PRO C 81 24.87 -6.17 0.82
N SER C 82 25.09 -5.03 0.17
CA SER C 82 24.08 -4.00 -0.07
C SER C 82 22.91 -4.46 -0.94
N ARG C 83 23.03 -5.55 -1.69
CA ARG C 83 21.88 -5.99 -2.49
C ARG C 83 20.71 -6.43 -1.63
N PHE C 84 20.93 -6.67 -0.34
CA PHE C 84 19.85 -7.05 0.57
C PHE C 84 19.26 -5.80 1.20
N SER C 85 17.93 -5.77 1.29
CA SER C 85 17.24 -4.69 1.98
C SER C 85 15.99 -5.23 2.63
N GLY C 86 15.50 -4.48 3.60
CA GLY C 86 14.27 -4.82 4.28
C GLY C 86 13.42 -3.58 4.47
N SER C 87 12.11 -3.78 4.48
CA SER C 87 11.17 -2.70 4.67
C SER C 87 9.96 -3.21 5.46
N GLY C 88 9.15 -2.27 5.91
CA GLY C 88 7.91 -2.54 6.61
C GLY C 88 7.95 -2.12 8.06
N SER C 89 6.78 -2.14 8.67
CA SER C 89 6.60 -1.79 10.07
C SER C 89 5.16 -2.11 10.46
N GLY C 90 4.98 -2.60 11.69
CA GLY C 90 3.65 -2.96 12.14
C GLY C 90 3.35 -4.45 12.03
N THR C 91 2.62 -4.83 10.97
CA THR C 91 2.23 -6.21 10.76
C THR C 91 2.69 -6.78 9.43
N ASP C 92 3.10 -5.94 8.48
CA ASP C 92 3.53 -6.36 7.15
C ASP C 92 4.97 -5.95 6.91
N PHE C 93 5.78 -6.88 6.44
CA PHE C 93 7.20 -6.65 6.23
C PHE C 93 7.62 -7.27 4.91
N THR C 94 8.67 -6.70 4.31
CA THR C 94 9.19 -7.16 3.03
C THR C 94 10.69 -7.22 3.12
N PHE C 95 11.25 -8.29 2.57
CA PHE C 95 12.69 -8.47 2.37
C PHE C 95 12.97 -8.55 0.88
N THR C 96 13.96 -7.79 0.42
CA THR C 96 14.26 -7.70 -1.00
C THR C 96 15.72 -7.98 -1.28
N ILE C 97 15.96 -8.80 -2.29
CA ILE C 97 17.27 -8.95 -2.94
C ILE C 97 17.22 -8.24 -4.28
N SER C 98 18.06 -7.21 -4.44
CA SER C 98 17.97 -6.33 -5.61
C SER C 98 18.41 -7.06 -6.88
N SER C 99 19.38 -7.97 -6.77
CA SER C 99 19.96 -8.65 -7.92
C SER C 99 20.38 -10.03 -7.44
N LEU C 100 19.57 -11.06 -7.73
CA LEU C 100 19.82 -12.36 -7.14
C LEU C 100 21.15 -12.90 -7.61
N GLN C 101 21.94 -13.42 -6.67
CA GLN C 101 23.21 -14.08 -6.92
C GLN C 101 23.21 -15.54 -6.48
N PRO C 102 24.11 -16.35 -7.05
CA PRO C 102 24.14 -17.78 -6.69
C PRO C 102 24.33 -18.01 -5.20
N GLU C 103 25.08 -17.15 -4.51
CA GLU C 103 25.35 -17.36 -3.10
C GLU C 103 24.13 -17.08 -2.24
N ASP C 104 23.05 -16.60 -2.82
CA ASP C 104 21.86 -16.25 -2.05
C ASP C 104 20.90 -17.43 -1.90
N ILE C 105 21.18 -18.56 -2.56
CA ILE C 105 20.44 -19.79 -2.36
C ILE C 105 20.47 -20.10 -0.86
N ALA C 106 19.29 -20.16 -0.25
CA ALA C 106 19.17 -20.27 1.20
C ALA C 106 17.68 -20.30 1.51
N THR C 107 17.40 -20.55 2.79
CA THR C 107 16.07 -20.32 3.33
C THR C 107 16.12 -19.06 4.17
N TYR C 108 15.17 -18.17 3.95
CA TYR C 108 15.12 -16.92 4.67
C TYR C 108 14.00 -17.01 5.70
N TYR C 109 14.23 -16.41 6.85
CA TYR C 109 13.27 -16.41 7.94
C TYR C 109 13.14 -15.00 8.49
N CYS C 110 11.90 -14.60 8.75
CA CYS C 110 11.67 -13.46 9.62
C CYS C 110 11.51 -13.95 11.05
N GLN C 111 11.76 -13.07 12.00
CA GLN C 111 11.56 -13.38 13.41
C GLN C 111 11.18 -12.08 14.09
N GLN C 112 10.11 -12.11 14.86
CA GLN C 112 9.74 -10.97 15.67
C GLN C 112 10.40 -11.09 17.04
N TYR C 113 10.80 -9.94 17.57
CA TYR C 113 11.38 -9.82 18.90
C TYR C 113 10.71 -8.68 19.64
N HIS C 114 9.42 -8.51 19.36
CA HIS C 114 8.59 -7.59 20.11
C HIS C 114 8.18 -8.15 21.45
N ASN C 115 7.80 -9.43 21.50
CA ASN C 115 7.30 -10.01 22.74
C ASN C 115 7.67 -11.48 22.84
N LEU C 116 8.16 -11.89 24.01
CA LEU C 116 8.55 -13.28 24.17
C LEU C 116 7.24 -14.08 24.19
N PRO C 117 7.22 -15.30 23.65
CA PRO C 117 8.40 -15.87 22.96
C PRO C 117 8.65 -15.23 21.60
N TYR C 118 9.94 -15.19 21.24
CA TYR C 118 10.39 -14.60 19.98
C TYR C 118 10.25 -15.57 18.82
N THR C 119 9.12 -15.47 18.15
CA THR C 119 8.65 -16.46 17.21
C THR C 119 9.20 -16.23 15.79
N PHE C 120 9.34 -17.34 15.05
CA PHE C 120 9.81 -17.40 13.67
C PHE C 120 8.67 -17.58 12.69
N GLY C 121 8.87 -17.00 11.51
CA GLY C 121 8.14 -17.36 10.33
C GLY C 121 8.52 -18.75 9.85
N PRO C 122 7.74 -19.29 8.92
CA PRO C 122 7.93 -20.66 8.47
C PRO C 122 8.96 -20.83 7.35
N GLY C 123 9.58 -19.75 6.91
CA GLY C 123 10.69 -19.83 5.99
C GLY C 123 10.28 -19.57 4.56
N THR C 124 11.23 -19.10 3.77
CA THR C 124 11.10 -18.95 2.32
C THR C 124 12.32 -19.58 1.70
N LYS C 125 12.13 -20.65 0.94
CA LYS C 125 13.22 -21.30 0.24
C LYS C 125 13.42 -20.68 -1.13
N LEU C 126 14.58 -20.07 -1.32
CA LEU C 126 14.91 -19.35 -2.55
C LEU C 126 15.84 -20.22 -3.37
N GLU C 127 15.48 -20.51 -4.62
CA GLU C 127 16.34 -21.29 -5.50
C GLU C 127 16.57 -20.51 -6.80
N ILE C 128 17.65 -20.87 -7.50
CA ILE C 128 17.94 -20.35 -8.84
C ILE C 128 17.34 -21.26 -9.92
N LYS C 129 17.39 -20.81 -11.17
CA LYS C 129 16.87 -21.59 -12.30
C LYS C 129 15.37 -21.83 -12.17
N THR D 22 28.87 -4.30 21.29
CA THR D 22 29.11 -4.41 19.82
C THR D 22 28.86 -5.85 19.36
N ASP D 23 29.71 -6.35 18.46
CA ASP D 23 29.55 -7.69 17.89
C ASP D 23 29.87 -8.81 18.88
N ILE D 24 28.89 -9.18 19.70
CA ILE D 24 29.06 -10.27 20.66
C ILE D 24 29.20 -11.58 19.92
N GLN D 25 30.23 -12.37 20.25
CA GLN D 25 30.45 -13.67 19.61
C GLN D 25 29.95 -14.79 20.52
N MET D 26 29.10 -15.65 19.97
CA MET D 26 28.56 -16.81 20.71
C MET D 26 29.25 -18.10 20.27
N THR D 27 29.92 -18.76 21.22
CA THR D 27 30.63 -20.01 20.96
C THR D 27 29.77 -21.10 21.59
N GLN D 28 29.70 -22.25 20.92
CA GLN D 28 28.82 -23.31 21.40
C GLN D 28 29.52 -24.66 21.27
N SER D 29 29.41 -25.47 22.32
N SER D 29 29.43 -25.47 22.32
CA SER D 29 30.10 -26.76 22.38
CA SER D 29 30.09 -26.76 22.38
C SER D 29 29.19 -27.77 23.06
C SER D 29 29.13 -27.76 23.01
N PRO D 30 29.13 -29.02 22.57
CA PRO D 30 29.92 -29.42 21.41
C PRO D 30 29.23 -29.09 20.09
N SER D 31 29.95 -29.31 18.99
CA SER D 31 29.37 -29.09 17.66
C SER D 31 28.36 -30.15 17.28
N SER D 32 28.61 -31.41 17.61
CA SER D 32 27.65 -32.48 17.35
C SER D 32 27.84 -33.54 18.42
N LEU D 33 26.79 -34.31 18.64
CA LEU D 33 26.92 -35.44 19.55
C LEU D 33 25.81 -36.45 19.30
N SER D 34 26.15 -37.71 19.57
CA SER D 34 25.22 -38.82 19.47
C SER D 34 25.07 -39.42 20.85
N ALA D 35 23.85 -39.84 21.17
CA ALA D 35 23.58 -40.44 22.46
C ALA D 35 22.45 -41.42 22.29
N SER D 36 22.16 -42.14 23.36
CA SER D 36 21.14 -43.18 23.36
C SER D 36 19.87 -42.65 24.01
N VAL D 37 18.76 -43.28 23.67
CA VAL D 37 17.49 -42.96 24.32
C VAL D 37 17.62 -43.13 25.83
N GLY D 38 17.15 -42.12 26.57
CA GLY D 38 17.25 -42.13 28.01
C GLY D 38 18.50 -41.52 28.62
N ASP D 39 19.49 -41.11 27.82
CA ASP D 39 20.67 -40.54 28.43
C ASP D 39 20.47 -39.07 28.80
N ARG D 40 21.28 -38.61 29.75
CA ARG D 40 21.35 -37.20 30.06
C ARG D 40 22.30 -36.55 29.05
N VAL D 41 21.88 -35.45 28.44
CA VAL D 41 22.71 -34.69 27.51
C VAL D 41 22.95 -33.27 28.02
N THR D 42 24.21 -32.84 28.03
CA THR D 42 24.56 -31.50 28.51
C THR D 42 25.41 -30.80 27.44
N ILE D 43 24.91 -29.67 26.96
CA ILE D 43 25.53 -28.86 25.91
C ILE D 43 25.74 -27.47 26.50
N THR D 44 26.87 -26.84 26.15
CA THR D 44 27.21 -25.52 26.68
C THR D 44 27.30 -24.47 25.57
N CYS D 45 27.23 -23.23 26.04
CA CYS D 45 27.25 -22.04 25.18
C CYS D 45 27.92 -20.92 25.96
N GLN D 46 29.01 -20.39 25.41
CA GLN D 46 29.75 -19.30 25.99
C GLN D 46 29.59 -18.03 25.16
N ALA D 47 29.27 -16.92 25.82
CA ALA D 47 29.21 -15.61 25.20
C ALA D 47 30.53 -14.88 25.36
N SER D 48 30.87 -14.05 24.37
CA SER D 48 32.13 -13.31 24.40
C SER D 48 32.10 -12.11 25.34
N GLN D 49 30.94 -11.69 25.82
CA GLN D 49 30.86 -10.67 26.87
C GLN D 49 29.61 -10.95 27.70
N ASP D 50 29.58 -10.35 28.89
CA ASP D 50 28.48 -10.55 29.81
C ASP D 50 27.15 -10.11 29.19
N ILE D 51 26.23 -11.07 29.04
CA ILE D 51 24.91 -10.86 28.46
C ILE D 51 23.82 -11.06 29.51
N SER D 52 24.18 -10.99 30.79
CA SER D 52 23.25 -11.22 31.90
C SER D 52 22.62 -12.59 31.68
N ASN D 53 21.30 -12.75 31.78
CA ASN D 53 20.65 -14.02 31.46
C ASN D 53 19.81 -13.93 30.20
N TYR D 54 20.16 -13.03 29.28
CA TYR D 54 19.43 -12.89 28.02
C TYR D 54 19.95 -13.89 26.99
N LEU D 55 19.63 -15.15 27.25
CA LEU D 55 20.02 -16.24 26.37
C LEU D 55 18.77 -17.06 26.10
N ILE D 56 18.51 -17.30 24.82
CA ILE D 56 17.44 -18.17 24.35
C ILE D 56 18.08 -19.46 23.87
N TRP D 57 17.31 -20.56 23.97
CA TRP D 57 17.65 -21.82 23.33
C TRP D 57 16.55 -22.26 22.38
N TYR D 58 16.92 -22.51 21.13
CA TYR D 58 16.01 -22.97 20.10
C TYR D 58 16.33 -24.40 19.71
N GLN D 59 15.30 -25.10 19.28
CA GLN D 59 15.39 -26.42 18.68
C GLN D 59 14.93 -26.30 17.24
N GLN D 60 15.72 -26.77 16.30
CA GLN D 60 15.36 -26.73 14.88
C GLN D 60 15.36 -28.13 14.28
N LYS D 61 14.19 -28.73 14.12
CA LYS D 61 14.16 -30.03 13.46
C LYS D 61 14.36 -29.86 11.96
N PRO D 62 14.85 -30.90 11.29
CA PRO D 62 15.23 -30.77 9.88
C PRO D 62 14.08 -30.30 9.01
N GLY D 63 14.35 -29.28 8.20
CA GLY D 63 13.37 -28.63 7.36
C GLY D 63 12.44 -27.62 8.01
N LYS D 64 12.52 -27.43 9.32
CA LYS D 64 11.60 -26.57 10.02
C LYS D 64 12.32 -25.32 10.52
N ALA D 65 11.52 -24.39 11.00
CA ALA D 65 12.04 -23.20 11.61
C ALA D 65 12.47 -23.53 13.04
N PRO D 66 13.37 -22.74 13.62
CA PRO D 66 13.66 -22.89 15.04
C PRO D 66 12.44 -22.62 15.89
N LYS D 67 12.31 -23.39 16.97
CA LYS D 67 11.22 -23.25 17.93
C LYS D 67 11.83 -22.98 19.28
N LEU D 68 11.27 -22.00 19.98
CA LEU D 68 11.85 -21.58 21.25
C LEU D 68 11.56 -22.60 22.33
N LEU D 69 12.61 -23.02 23.04
CA LEU D 69 12.44 -23.91 24.20
C LEU D 69 12.63 -23.20 25.52
N ILE D 70 13.69 -22.40 25.63
CA ILE D 70 14.10 -21.78 26.87
C ILE D 70 14.42 -20.31 26.62
N TYR D 71 13.96 -19.45 27.52
CA TYR D 71 14.27 -18.03 27.45
C TYR D 71 14.76 -17.60 28.83
N ASP D 72 15.36 -16.41 28.89
CA ASP D 72 15.95 -15.88 30.12
C ASP D 72 16.92 -16.88 30.76
N ALA D 73 17.65 -17.60 29.89
CA ALA D 73 18.63 -18.63 30.28
C ALA D 73 18.05 -19.91 30.86
N SER D 74 16.95 -19.83 31.63
CA SER D 74 16.53 -20.96 32.44
C SER D 74 15.03 -21.17 32.48
N ASN D 75 14.24 -20.35 31.79
CA ASN D 75 12.79 -20.46 31.76
C ASN D 75 12.32 -21.24 30.56
N LEU D 76 11.43 -22.18 30.79
CA LEU D 76 10.91 -23.02 29.72
C LEU D 76 9.69 -22.30 29.20
N GLU D 77 9.50 -22.31 27.88
CA GLU D 77 8.26 -21.75 27.41
C GLU D 77 7.14 -22.77 27.60
N THR D 78 5.91 -22.32 27.37
CA THR D 78 4.76 -23.18 27.58
C THR D 78 4.79 -24.37 26.64
N GLY D 79 4.37 -25.52 27.14
CA GLY D 79 4.28 -26.74 26.36
C GLY D 79 5.58 -27.48 26.17
N VAL D 80 6.69 -26.95 26.67
CA VAL D 80 7.99 -27.61 26.52
C VAL D 80 8.07 -28.76 27.52
N PRO D 81 8.37 -29.99 27.10
CA PRO D 81 8.51 -31.08 28.09
C PRO D 81 9.52 -30.74 29.17
N SER D 82 9.22 -31.19 30.38
CA SER D 82 10.05 -30.96 31.55
C SER D 82 11.44 -31.55 31.47
N ARG D 83 11.71 -32.48 30.55
CA ARG D 83 13.05 -33.02 30.42
C ARG D 83 14.07 -31.99 29.95
N PHE D 84 13.63 -30.86 29.41
CA PHE D 84 14.54 -29.79 28.98
C PHE D 84 14.75 -28.80 30.11
N SER D 85 16.00 -28.38 30.29
CA SER D 85 16.32 -27.33 31.24
C SER D 85 17.48 -26.53 30.69
N GLY D 86 17.61 -25.31 31.20
CA GLY D 86 18.73 -24.45 30.84
C GLY D 86 19.26 -23.74 32.07
N SER D 87 20.55 -23.46 32.06
CA SER D 87 21.19 -22.76 33.16
C SER D 87 22.28 -21.83 32.68
N GLY D 88 22.73 -21.02 33.62
CA GLY D 88 23.82 -20.10 33.45
C GLY D 88 23.36 -18.65 33.51
N SER D 89 24.35 -17.78 33.58
CA SER D 89 24.15 -16.35 33.60
C SER D 89 25.51 -15.70 33.45
N GLY D 90 25.55 -14.60 32.71
CA GLY D 90 26.79 -13.90 32.44
C GLY D 90 27.39 -14.27 31.10
N THR D 91 28.39 -15.15 31.11
CA THR D 91 29.10 -15.56 29.91
C THR D 91 29.07 -17.05 29.64
N ASP D 92 28.69 -17.88 30.62
CA ASP D 92 28.69 -19.34 30.48
C ASP D 92 27.28 -19.86 30.69
N PHE D 93 26.83 -20.71 29.77
CA PHE D 93 25.48 -21.24 29.77
C PHE D 93 25.50 -22.72 29.43
N THR D 94 24.49 -23.44 29.93
CA THR D 94 24.35 -24.87 29.72
C THR D 94 22.91 -25.17 29.36
N PHE D 95 22.74 -26.06 28.39
CA PHE D 95 21.44 -26.62 28.04
C PHE D 95 21.50 -28.11 28.29
N THR D 96 20.48 -28.63 29.01
CA THR D 96 20.47 -30.03 29.41
C THR D 96 19.16 -30.71 29.02
N ILE D 97 19.28 -31.90 28.46
CA ILE D 97 18.17 -32.84 28.31
C ILE D 97 18.35 -33.96 29.32
N SER D 98 17.42 -34.10 30.24
CA SER D 98 17.60 -35.05 31.34
C SER D 98 17.53 -36.48 30.84
N SER D 99 16.67 -36.74 29.85
CA SER D 99 16.45 -38.10 29.36
C SER D 99 16.12 -37.95 27.88
N LEU D 100 17.14 -38.21 27.04
CA LEU D 100 17.01 -37.92 25.61
C LEU D 100 15.90 -38.78 24.99
N GLN D 101 15.07 -38.17 24.17
CA GLN D 101 14.02 -38.85 23.42
C GLN D 101 14.18 -38.78 21.90
N PRO D 102 13.56 -39.72 21.17
CA PRO D 102 13.72 -39.70 19.70
C PRO D 102 13.26 -38.39 19.08
N GLU D 103 12.23 -37.77 19.65
CA GLU D 103 11.73 -36.53 19.08
C GLU D 103 12.67 -35.37 19.34
N ASP D 104 13.73 -35.58 20.10
CA ASP D 104 14.67 -34.52 20.44
C ASP D 104 15.79 -34.41 19.40
N ILE D 105 15.85 -35.32 18.43
CA ILE D 105 16.77 -35.20 17.31
C ILE D 105 16.55 -33.84 16.67
N ALA D 106 17.58 -33.02 16.65
CA ALA D 106 17.46 -31.63 16.23
C ALA D 106 18.83 -31.01 16.32
N THR D 107 18.93 -29.78 15.84
CA THR D 107 20.05 -28.91 16.12
C THR D 107 19.57 -27.89 17.11
N TYR D 108 20.35 -27.69 18.17
CA TYR D 108 19.98 -26.73 19.20
C TYR D 108 20.87 -25.53 19.02
N TYR D 109 20.31 -24.34 19.25
CA TYR D 109 21.06 -23.11 19.12
C TYR D 109 20.80 -22.26 20.35
N CYS D 110 21.85 -21.64 20.87
CA CYS D 110 21.64 -20.54 21.79
C CYS D 110 21.61 -19.23 21.01
N GLN D 111 20.98 -18.23 21.61
CA GLN D 111 20.93 -16.90 21.02
C GLN D 111 20.85 -15.92 22.16
N GLN D 112 21.70 -14.90 22.13
CA GLN D 112 21.62 -13.82 23.09
C GLN D 112 20.70 -12.73 22.54
N TYR D 113 19.97 -12.10 23.46
CA TYR D 113 19.08 -10.98 23.16
C TYR D 113 19.35 -9.84 24.14
N HIS D 114 20.62 -9.75 24.51
CA HIS D 114 21.22 -8.65 25.27
C HIS D 114 21.49 -7.44 24.39
N ASN D 115 21.98 -7.67 23.17
CA ASN D 115 22.38 -6.56 22.33
C ASN D 115 22.14 -6.77 20.85
N LEU D 116 21.52 -5.79 20.21
CA LEU D 116 21.31 -5.97 18.78
C LEU D 116 22.67 -5.74 18.14
N PRO D 117 23.05 -6.48 17.10
CA PRO D 117 22.24 -7.60 16.62
C PRO D 117 22.29 -8.79 17.55
N TYR D 118 21.19 -9.54 17.55
CA TYR D 118 20.95 -10.73 18.39
C TYR D 118 21.63 -11.95 17.83
N THR D 119 22.81 -12.25 18.36
CA THR D 119 23.71 -13.17 17.72
C THR D 119 23.29 -14.60 18.04
N PHE D 120 23.56 -15.48 17.09
CA PHE D 120 23.19 -16.87 17.18
C PHE D 120 24.45 -17.65 17.55
N GLY D 121 24.28 -18.73 18.32
CA GLY D 121 25.30 -19.74 18.37
C GLY D 121 25.41 -20.53 17.09
N PRO D 122 26.50 -21.30 16.95
CA PRO D 122 26.73 -22.06 15.72
C PRO D 122 26.07 -23.43 15.67
N GLY D 123 25.36 -23.81 16.73
CA GLY D 123 24.54 -25.00 16.72
C GLY D 123 25.21 -26.19 17.37
N THR D 124 24.38 -27.12 17.86
CA THR D 124 24.81 -28.42 18.33
C THR D 124 23.86 -29.40 17.67
N LYS D 125 24.39 -30.26 16.79
CA LYS D 125 23.56 -31.27 16.13
C LYS D 125 23.53 -32.52 17.00
N LEU D 126 22.34 -32.84 17.50
CA LEU D 126 22.16 -33.96 18.40
C LEU D 126 21.52 -35.12 17.64
N GLU D 127 22.15 -36.30 17.65
CA GLU D 127 21.61 -37.49 17.01
C GLU D 127 21.51 -38.65 18.02
N ILE D 128 20.64 -39.61 17.65
CA ILE D 128 20.39 -40.90 18.32
C ILE D 128 21.27 -42.01 17.76
N LYS D 129 21.79 -42.85 18.66
CA LYS D 129 22.64 -44.00 18.32
C LYS D 129 24.11 -43.64 18.35
N THR E 22 27.71 22.34 -37.89
CA THR E 22 27.52 22.19 -36.41
C THR E 22 26.29 22.95 -35.94
N ASP E 23 26.40 23.68 -34.84
CA ASP E 23 25.28 24.40 -34.25
C ASP E 23 24.90 25.61 -35.09
N ILE E 24 24.06 25.41 -36.11
CA ILE E 24 23.61 26.52 -36.94
C ILE E 24 22.70 27.45 -36.14
N GLN E 25 23.00 28.76 -36.20
CA GLN E 25 22.23 29.79 -35.52
C GLN E 25 21.28 30.46 -36.51
N MET E 26 20.01 30.50 -36.16
CA MET E 26 18.98 31.13 -36.99
C MET E 26 18.58 32.49 -36.43
N THR E 27 18.79 33.55 -37.22
CA THR E 27 18.45 34.91 -36.83
C THR E 27 17.19 35.28 -37.61
N GLN E 28 16.32 36.09 -37.00
CA GLN E 28 15.05 36.39 -37.62
C GLN E 28 14.64 37.83 -37.30
N SER E 29 14.06 38.50 -38.29
N SER E 29 14.16 38.54 -38.32
CA SER E 29 13.82 39.92 -38.21
CA SER E 29 13.78 39.94 -38.19
C SER E 29 12.57 40.26 -39.02
C SER E 29 12.50 40.17 -38.97
N PRO E 30 11.58 41.01 -38.47
CA PRO E 30 11.73 41.59 -37.14
C PRO E 30 11.30 40.66 -36.01
N SER E 31 11.50 41.11 -34.77
N SER E 31 11.57 41.10 -34.78
CA SER E 31 11.11 40.30 -33.61
CA SER E 31 11.16 40.36 -33.58
C SER E 31 9.63 40.43 -33.32
C SER E 31 9.66 40.45 -33.30
N SER E 32 9.07 41.62 -33.51
CA SER E 32 7.63 41.80 -33.32
C SER E 32 7.17 42.86 -34.31
N LEU E 33 5.89 42.83 -34.63
CA LEU E 33 5.36 43.88 -35.47
C LEU E 33 3.85 43.95 -35.32
N SER E 34 3.32 45.16 -35.49
CA SER E 34 1.90 45.43 -35.48
C SER E 34 1.58 46.01 -36.84
N ALA E 35 0.43 45.66 -37.43
CA ALA E 35 0.10 46.21 -38.74
C ALA E 35 -1.41 46.27 -38.92
N SER E 36 -1.82 46.86 -40.05
CA SER E 36 -3.24 47.02 -40.34
C SER E 36 -3.68 45.95 -41.34
N VAL E 37 -4.98 45.66 -41.33
CA VAL E 37 -5.57 44.77 -42.32
C VAL E 37 -5.31 45.28 -43.73
N GLY E 38 -4.87 44.37 -44.60
CA GLY E 38 -4.56 44.70 -45.97
C GLY E 38 -3.15 45.14 -46.29
N ASP E 39 -2.28 45.35 -45.30
CA ASP E 39 -0.94 45.76 -45.67
C ASP E 39 -0.09 44.54 -46.06
N ARG E 40 0.96 44.80 -46.85
CA ARG E 40 1.95 43.77 -47.14
C ARG E 40 2.93 43.70 -45.97
N VAL E 41 3.20 42.49 -45.49
CA VAL E 41 4.18 42.26 -44.43
C VAL E 41 5.32 41.39 -44.94
N THR E 42 6.56 41.83 -44.69
CA THR E 42 7.74 41.11 -45.16
C THR E 42 8.67 40.90 -43.97
N ILE E 43 8.95 39.63 -43.66
CA ILE E 43 9.78 39.22 -42.53
C ILE E 43 10.92 38.39 -43.13
N THR E 44 12.12 38.57 -42.59
CA THR E 44 13.30 37.87 -43.09
C THR E 44 13.92 36.98 -42.02
N CYS E 45 14.74 36.05 -42.51
CA CYS E 45 15.43 35.08 -41.67
C CYS E 45 16.75 34.76 -42.34
N GLN E 46 17.84 35.01 -41.62
CA GLN E 46 19.19 34.75 -42.08
C GLN E 46 19.79 33.60 -41.28
N ALA E 47 20.37 32.63 -41.99
CA ALA E 47 21.09 31.55 -41.34
C ALA E 47 22.58 31.87 -41.26
N SER E 48 23.20 31.37 -40.19
CA SER E 48 24.62 31.56 -39.93
C SER E 48 25.49 30.65 -40.80
N GLN E 49 24.89 29.70 -41.49
CA GLN E 49 25.62 28.89 -42.46
C GLN E 49 24.71 28.52 -43.62
N ASP E 50 25.32 28.16 -44.74
CA ASP E 50 24.57 27.82 -45.94
C ASP E 50 23.69 26.61 -45.69
N ILE E 51 22.37 26.79 -45.80
CA ILE E 51 21.42 25.71 -45.57
C ILE E 51 20.67 25.35 -46.85
N SER E 52 21.21 25.73 -48.01
CA SER E 52 20.56 25.47 -49.30
C SER E 52 19.16 26.09 -49.20
N ASN E 53 18.10 25.38 -49.55
CA ASN E 53 16.74 25.89 -49.34
C ASN E 53 16.00 25.09 -48.27
N TYR E 54 16.72 24.49 -47.32
CA TYR E 54 16.08 23.72 -46.25
C TYR E 54 15.65 24.64 -45.11
N LEU E 55 14.62 25.43 -45.41
CA LEU E 55 14.04 26.37 -44.48
C LEU E 55 12.54 26.16 -44.46
N ILE E 56 11.98 26.00 -43.28
CA ILE E 56 10.55 25.92 -43.03
C ILE E 56 10.09 27.24 -42.44
N TRP E 57 8.82 27.59 -42.69
CA TRP E 57 8.15 28.66 -41.98
C TRP E 57 6.89 28.13 -41.33
N TYR E 58 6.78 28.34 -40.01
CA TYR E 58 5.63 27.94 -39.22
C TYR E 58 4.84 29.14 -38.74
N GLN E 59 3.54 28.94 -38.55
CA GLN E 59 2.67 29.92 -37.92
C GLN E 59 2.16 29.30 -36.61
N GLN E 60 2.31 30.04 -35.52
CA GLN E 60 1.86 29.57 -34.21
C GLN E 60 0.87 30.56 -33.61
N LYS E 61 -0.41 30.23 -33.70
CA LYS E 61 -1.42 31.07 -33.07
C LYS E 61 -1.41 30.86 -31.55
N PRO E 62 -1.86 31.85 -30.79
CA PRO E 62 -1.72 31.77 -29.32
C PRO E 62 -2.42 30.56 -28.73
N GLY E 63 -1.69 29.82 -27.89
CA GLY E 63 -2.14 28.57 -27.30
C GLY E 63 -2.05 27.34 -28.17
N LYS E 64 -1.64 27.46 -29.43
CA LYS E 64 -1.62 26.35 -30.39
C LYS E 64 -0.19 25.97 -30.73
N ALA E 65 -0.10 24.86 -31.43
CA ALA E 65 1.15 24.36 -31.95
C ALA E 65 1.52 25.10 -33.23
N PRO E 66 2.80 25.10 -33.59
CA PRO E 66 3.18 25.63 -34.91
C PRO E 66 2.54 24.80 -36.03
N LYS E 67 2.18 25.51 -37.10
CA LYS E 67 1.58 24.91 -38.28
C LYS E 67 2.44 25.24 -39.48
N LEU E 68 2.79 24.21 -40.25
CA LEU E 68 3.66 24.40 -41.39
C LEU E 68 2.96 25.27 -42.43
N LEU E 69 3.62 26.35 -42.87
CA LEU E 69 3.07 27.14 -43.97
C LEU E 69 3.85 26.93 -45.24
N ILE E 70 5.18 26.98 -45.15
CA ILE E 70 6.09 26.93 -46.27
C ILE E 70 7.21 25.95 -45.97
N TYR E 71 7.57 25.13 -46.96
CA TYR E 71 8.69 24.23 -46.83
C TYR E 71 9.59 24.39 -48.04
N ASP E 72 10.80 23.86 -47.94
CA ASP E 72 11.81 23.98 -48.99
C ASP E 72 12.01 25.44 -49.40
N ALA E 73 11.94 26.34 -48.41
CA ALA E 73 12.08 27.79 -48.55
C ALA E 73 10.95 28.52 -49.26
N SER E 74 10.34 27.90 -50.28
CA SER E 74 9.46 28.65 -51.17
C SER E 74 8.23 27.87 -51.61
N ASN E 75 8.05 26.64 -51.16
CA ASN E 75 6.92 25.81 -51.53
C ASN E 75 5.81 25.92 -50.50
N LEU E 76 4.59 26.12 -50.96
CA LEU E 76 3.44 26.31 -50.08
C LEU E 76 2.89 24.92 -49.82
N GLU E 77 2.47 24.66 -48.59
CA GLU E 77 1.81 23.40 -48.32
C GLU E 77 0.33 23.44 -48.74
N THR E 78 -0.28 22.27 -48.69
CA THR E 78 -1.66 22.09 -49.10
C THR E 78 -2.61 22.89 -48.22
N GLY E 79 -3.54 23.61 -48.86
CA GLY E 79 -4.56 24.38 -48.17
C GLY E 79 -4.14 25.73 -47.62
N VAL E 80 -2.88 26.10 -47.74
CA VAL E 80 -2.42 27.38 -47.20
C VAL E 80 -2.88 28.47 -48.17
N PRO E 81 -3.57 29.52 -47.71
CA PRO E 81 -3.96 30.60 -48.63
C PRO E 81 -2.77 31.18 -49.40
N SER E 82 -3.05 31.54 -50.65
CA SER E 82 -2.07 32.09 -51.58
C SER E 82 -1.46 33.40 -51.14
N ARG E 83 -2.06 34.12 -50.17
CA ARG E 83 -1.44 35.36 -49.73
C ARG E 83 -0.10 35.13 -49.05
N PHE E 84 0.21 33.89 -48.65
CA PHE E 84 1.49 33.57 -48.04
C PHE E 84 2.47 33.12 -49.12
N SER E 85 3.70 33.62 -49.02
CA SER E 85 4.77 33.18 -49.91
C SER E 85 6.09 33.22 -49.17
N GLY E 86 7.05 32.47 -49.70
CA GLY E 86 8.41 32.48 -49.18
C GLY E 86 9.40 32.51 -50.31
N SER E 87 10.55 33.14 -50.05
CA SER E 87 11.62 33.23 -51.03
C SER E 87 12.98 33.17 -50.33
N GLY E 88 14.01 33.00 -51.15
CA GLY E 88 15.39 33.01 -50.71
C GLY E 88 16.05 31.64 -50.86
N SER E 89 17.36 31.65 -50.68
CA SER E 89 18.15 30.43 -50.76
C SER E 89 19.58 30.74 -50.31
N GLY E 90 20.19 29.81 -49.59
CA GLY E 90 21.54 30.01 -49.09
C GLY E 90 21.53 30.47 -47.65
N THR E 91 21.68 31.78 -47.43
CA THR E 91 21.75 32.35 -46.11
C THR E 91 20.68 33.39 -45.83
N ASP E 92 20.00 33.91 -46.85
CA ASP E 92 18.99 34.95 -46.70
C ASP E 92 17.65 34.43 -47.20
N PHE E 93 16.61 34.61 -46.40
CA PHE E 93 15.28 34.13 -46.73
C PHE E 93 14.26 35.19 -46.36
N THR E 94 13.13 35.16 -47.09
CA THR E 94 12.06 36.12 -46.89
C THR E 94 10.73 35.40 -46.89
N PHE E 95 9.87 35.80 -45.96
CA PHE E 95 8.48 35.37 -45.87
C PHE E 95 7.60 36.60 -46.07
N THR E 96 6.60 36.49 -46.95
CA THR E 96 5.74 37.63 -47.28
C THR E 96 4.28 37.23 -47.12
N ILE E 97 3.50 38.10 -46.47
CA ILE E 97 2.04 38.07 -46.51
C ILE E 97 1.56 39.22 -47.39
N SER E 98 0.90 38.89 -48.49
CA SER E 98 0.55 39.90 -49.49
C SER E 98 -0.51 40.87 -48.96
N SER E 99 -1.44 40.37 -48.15
CA SER E 99 -2.57 41.17 -47.67
C SER E 99 -2.94 40.65 -46.29
N LEU E 100 -2.51 41.35 -45.24
CA LEU E 100 -2.66 40.83 -43.89
C LEU E 100 -4.14 40.68 -43.56
N GLN E 101 -4.50 39.55 -42.96
CA GLN E 101 -5.85 39.27 -42.50
C GLN E 101 -5.94 39.10 -40.97
N PRO E 102 -7.13 39.29 -40.39
CA PRO E 102 -7.24 39.17 -38.93
C PRO E 102 -6.80 37.82 -38.39
N GLU E 103 -7.05 36.74 -39.11
CA GLU E 103 -6.68 35.41 -38.63
C GLU E 103 -5.19 35.16 -38.71
N ASP E 104 -4.41 36.09 -39.26
CA ASP E 104 -2.98 35.90 -39.43
C ASP E 104 -2.18 36.35 -38.20
N ILE E 105 -2.86 36.95 -37.22
CA ILE E 105 -2.25 37.27 -35.93
C ILE E 105 -1.64 36.00 -35.36
N ALA E 106 -0.33 36.02 -35.13
CA ALA E 106 0.41 34.83 -34.75
C ALA E 106 1.86 35.23 -34.56
N THR E 107 2.65 34.28 -34.07
CA THR E 107 4.10 34.37 -34.12
C THR E 107 4.58 33.43 -35.20
N TYR E 108 5.45 33.93 -36.07
CA TYR E 108 5.96 33.15 -37.18
C TYR E 108 7.40 32.78 -36.86
N TYR E 109 7.79 31.57 -37.25
CA TYR E 109 9.14 31.06 -37.04
C TYR E 109 9.69 30.43 -38.31
N CYS E 110 10.96 30.71 -38.57
CA CYS E 110 11.69 29.89 -39.51
C CYS E 110 12.40 28.79 -38.73
N GLN E 111 12.71 27.71 -39.44
CA GLN E 111 13.45 26.60 -38.87
C GLN E 111 14.23 25.96 -40.00
N GLN E 112 15.51 25.73 -39.79
CA GLN E 112 16.26 24.97 -40.78
C GLN E 112 16.17 23.49 -40.42
N TYR E 113 16.08 22.68 -41.47
CA TYR E 113 16.06 21.22 -41.36
C TYR E 113 17.02 20.66 -42.37
N HIS E 114 18.09 21.41 -42.62
CA HIS E 114 19.18 20.90 -43.43
C HIS E 114 20.03 19.98 -42.57
N ASN E 115 20.26 20.36 -41.32
CA ASN E 115 21.14 19.53 -40.49
C ASN E 115 20.76 19.59 -39.03
N LEU E 116 20.71 18.42 -38.42
CA LEU E 116 20.31 18.32 -37.02
C LEU E 116 21.47 18.93 -36.24
N PRO E 117 21.23 19.62 -35.12
CA PRO E 117 19.87 19.88 -34.66
C PRO E 117 19.14 20.89 -35.53
N TYR E 118 17.81 20.71 -35.60
CA TYR E 118 16.95 21.58 -36.40
C TYR E 118 16.63 22.85 -35.64
N THR E 119 17.41 23.88 -35.88
CA THR E 119 17.41 25.05 -35.02
C THR E 119 16.27 25.95 -35.46
N PHE E 120 15.72 26.69 -34.51
CA PHE E 120 14.61 27.58 -34.75
C PHE E 120 15.12 29.00 -34.84
N GLY E 121 14.46 29.82 -35.66
CA GLY E 121 14.60 31.24 -35.53
C GLY E 121 13.98 31.73 -34.23
N PRO E 122 14.24 32.99 -33.86
CA PRO E 122 13.75 33.48 -32.56
C PRO E 122 12.33 34.02 -32.60
N GLY E 123 11.68 33.99 -33.75
CA GLY E 123 10.28 34.32 -33.85
C GLY E 123 10.04 35.74 -34.32
N THR E 124 8.87 35.95 -34.92
CA THR E 124 8.36 37.27 -35.28
C THR E 124 6.92 37.31 -34.78
N LYS E 125 6.64 38.18 -33.82
CA LYS E 125 5.27 38.32 -33.32
C LYS E 125 4.53 39.34 -34.15
N LEU E 126 3.50 38.89 -34.87
CA LEU E 126 2.74 39.74 -35.76
C LEU E 126 1.42 40.07 -35.09
N GLU E 127 1.11 41.35 -34.92
CA GLU E 127 -0.17 41.76 -34.35
C GLU E 127 -0.84 42.73 -35.31
N ILE E 128 -2.15 42.87 -35.17
CA ILE E 128 -2.93 43.88 -35.90
C ILE E 128 -3.02 45.19 -35.11
N LYS E 129 -3.42 46.26 -35.79
CA LYS E 129 -3.56 47.58 -35.19
C LYS E 129 -2.19 48.13 -34.83
N THR F 22 0.57 10.31 -45.83
CA THR F 22 -0.17 11.59 -46.07
C THR F 22 -0.19 12.44 -44.79
N ASP F 23 -1.33 13.04 -44.47
CA ASP F 23 -1.44 13.94 -43.32
C ASP F 23 -1.38 13.20 -41.98
N ILE F 24 -0.17 12.98 -41.46
CA ILE F 24 -0.01 12.33 -40.16
C ILE F 24 -0.55 13.23 -39.06
N GLN F 25 -1.40 12.69 -38.20
CA GLN F 25 -1.98 13.43 -37.07
C GLN F 25 -1.22 13.10 -35.80
N MET F 26 -0.74 14.11 -35.10
CA MET F 26 -0.03 13.94 -33.83
C MET F 26 -0.90 14.31 -32.64
N THR F 27 -1.18 13.34 -31.78
CA THR F 27 -2.00 13.59 -30.59
C THR F 27 -1.03 13.63 -29.41
N GLN F 28 -1.42 14.32 -28.35
CA GLN F 28 -0.50 14.49 -27.24
C GLN F 28 -1.33 14.60 -25.97
N SER F 29 -0.90 13.88 -24.92
CA SER F 29 -1.60 13.84 -23.66
C SER F 29 -0.56 13.89 -22.55
N PRO F 30 -0.82 14.61 -21.45
CA PRO F 30 -2.02 15.45 -21.34
C PRO F 30 -1.84 16.80 -22.03
N SER F 31 -2.93 17.57 -22.06
N SER F 31 -2.94 17.56 -22.09
CA SER F 31 -2.89 18.91 -22.62
CA SER F 31 -2.88 18.91 -22.64
C SER F 31 -2.13 19.86 -21.71
C SER F 31 -2.19 19.91 -21.72
N SER F 32 -2.42 19.80 -20.41
CA SER F 32 -1.74 20.65 -19.45
C SER F 32 -1.60 19.87 -18.15
N LEU F 33 -0.62 20.26 -17.35
CA LEU F 33 -0.47 19.66 -16.03
C LEU F 33 0.36 20.56 -15.13
N SER F 34 0.08 20.49 -13.84
CA SER F 34 0.83 21.20 -12.82
C SER F 34 1.45 20.16 -11.91
N ALA F 35 2.67 20.41 -11.48
CA ALA F 35 3.37 19.49 -10.59
C ALA F 35 4.32 20.29 -9.73
N SER F 36 4.95 19.58 -8.79
CA SER F 36 5.86 20.22 -7.85
C SER F 36 7.31 19.98 -8.28
N VAL F 37 8.19 20.88 -7.81
CA VAL F 37 9.61 20.70 -8.03
C VAL F 37 10.08 19.36 -7.49
N GLY F 38 10.86 18.63 -8.29
CA GLY F 38 11.32 17.33 -7.92
C GLY F 38 10.45 16.15 -8.31
N ASP F 39 9.25 16.38 -8.84
CA ASP F 39 8.44 15.22 -9.19
C ASP F 39 8.87 14.68 -10.54
N ARG F 40 8.57 13.39 -10.77
CA ARG F 40 8.74 12.83 -12.10
C ARG F 40 7.51 13.19 -12.93
N VAL F 41 7.74 13.69 -14.14
CA VAL F 41 6.66 14.02 -15.07
C VAL F 41 6.78 13.18 -16.34
N THR F 42 5.68 12.57 -16.76
CA THR F 42 5.66 11.71 -17.95
C THR F 42 4.53 12.17 -18.86
N ILE F 43 4.90 12.55 -20.09
CA ILE F 43 3.99 13.08 -21.10
C ILE F 43 4.11 12.16 -22.30
N THR F 44 2.98 11.88 -22.96
CA THR F 44 2.95 10.98 -24.11
C THR F 44 2.51 11.68 -25.39
N CYS F 45 2.83 11.01 -26.49
CA CYS F 45 2.55 11.48 -27.84
C CYS F 45 2.31 10.27 -28.72
N GLN F 46 1.12 10.20 -29.31
CA GLN F 46 0.73 9.12 -30.21
C GLN F 46 0.62 9.66 -31.63
N ALA F 47 1.24 8.96 -32.59
CA ALA F 47 1.11 9.28 -34.00
C ALA F 47 0.01 8.44 -34.66
N SER F 48 -0.66 9.04 -35.64
CA SER F 48 -1.73 8.36 -36.38
C SER F 48 -1.20 7.36 -37.39
N GLN F 49 0.11 7.35 -37.67
CA GLN F 49 0.70 6.32 -38.50
C GLN F 49 2.12 6.05 -38.04
N ASP F 50 2.64 4.88 -38.42
CA ASP F 50 3.98 4.47 -38.00
C ASP F 50 5.02 5.44 -38.52
N ILE F 51 5.74 6.11 -37.63
CA ILE F 51 6.76 7.07 -38.01
C ILE F 51 8.17 6.59 -37.60
N SER F 52 8.33 5.29 -37.35
CA SER F 52 9.61 4.71 -36.95
C SER F 52 10.09 5.47 -35.71
N ASN F 53 11.34 5.94 -35.68
CA ASN F 53 11.81 6.80 -34.59
C ASN F 53 12.07 8.23 -35.04
N TYR F 54 11.38 8.69 -36.09
CA TYR F 54 11.56 10.06 -36.56
C TYR F 54 10.63 10.98 -35.76
N LEU F 55 10.98 11.14 -34.48
CA LEU F 55 10.23 11.97 -33.56
C LEU F 55 11.18 12.90 -32.82
N ILE F 56 10.85 14.19 -32.83
CA ILE F 56 11.53 15.22 -32.07
C ILE F 56 10.66 15.63 -30.87
N TRP F 57 11.32 16.07 -29.80
CA TRP F 57 10.66 16.75 -28.69
C TRP F 57 11.29 18.12 -28.49
N TYR F 58 10.45 19.15 -28.51
CA TYR F 58 10.86 20.52 -28.31
C TYR F 58 10.31 21.05 -26.99
N GLN F 59 11.05 21.99 -26.40
CA GLN F 59 10.61 22.74 -25.25
C GLN F 59 10.48 24.19 -25.68
N GLN F 60 9.32 24.80 -25.41
CA GLN F 60 9.09 26.20 -25.77
C GLN F 60 8.75 27.01 -24.52
N LYS F 61 9.72 27.73 -24.00
CA LYS F 61 9.49 28.59 -22.87
C LYS F 61 8.74 29.85 -23.30
N PRO F 62 8.02 30.48 -22.38
CA PRO F 62 7.15 31.60 -22.77
C PRO F 62 7.92 32.73 -23.44
N GLY F 63 7.43 33.17 -24.60
CA GLY F 63 8.07 34.16 -25.44
C GLY F 63 9.21 33.71 -26.33
N LYS F 64 9.63 32.44 -26.25
CA LYS F 64 10.79 31.95 -26.98
C LYS F 64 10.38 30.96 -28.06
N ALA F 65 11.36 30.63 -28.87
CA ALA F 65 11.23 29.63 -29.91
C ALA F 65 11.35 28.25 -29.28
N PRO F 66 10.82 27.22 -29.94
CA PRO F 66 11.08 25.85 -29.49
C PRO F 66 12.57 25.52 -29.54
N LYS F 67 13.00 24.75 -28.56
CA LYS F 67 14.38 24.30 -28.44
C LYS F 67 14.37 22.78 -28.44
N LEU F 68 15.18 22.20 -29.30
CA LEU F 68 15.22 20.75 -29.43
C LEU F 68 15.87 20.14 -28.20
N LEU F 69 15.18 19.17 -27.59
CA LEU F 69 15.75 18.42 -26.47
C LEU F 69 16.15 17.01 -26.87
N ILE F 70 15.26 16.32 -27.58
CA ILE F 70 15.42 14.91 -27.92
C ILE F 70 15.11 14.72 -29.39
N TYR F 71 15.94 13.93 -30.06
CA TYR F 71 15.72 13.58 -31.46
C TYR F 71 15.82 12.07 -31.61
N ASP F 72 15.35 11.59 -32.76
CA ASP F 72 15.31 10.16 -33.05
C ASP F 72 14.62 9.40 -31.92
N ALA F 73 13.59 10.05 -31.35
CA ALA F 73 12.76 9.55 -30.25
C ALA F 73 13.42 9.48 -28.87
N SER F 74 14.71 9.15 -28.78
CA SER F 74 15.31 8.77 -27.51
C SER F 74 16.73 9.30 -27.32
N ASN F 75 17.26 10.05 -28.27
CA ASN F 75 18.62 10.57 -28.21
C ASN F 75 18.60 11.98 -27.65
N LEU F 76 19.51 12.23 -26.71
CA LEU F 76 19.59 13.51 -26.03
C LEU F 76 20.52 14.38 -26.87
N GLU F 77 20.16 15.66 -27.03
CA GLU F 77 21.10 16.54 -27.71
C GLU F 77 22.21 17.03 -26.78
N THR F 78 23.20 17.67 -27.40
CA THR F 78 24.37 18.17 -26.71
C THR F 78 24.00 19.26 -25.71
N GLY F 79 24.42 19.10 -24.47
CA GLY F 79 24.24 20.06 -23.40
C GLY F 79 22.88 20.10 -22.72
N VAL F 80 21.91 19.32 -23.16
CA VAL F 80 20.61 19.33 -22.49
C VAL F 80 20.75 18.51 -21.22
N PRO F 81 20.36 19.01 -20.05
CA PRO F 81 20.48 18.19 -18.84
C PRO F 81 19.82 16.83 -18.96
N SER F 82 20.49 15.85 -18.32
CA SER F 82 20.10 14.45 -18.31
C SER F 82 18.75 14.18 -17.66
N ARG F 83 18.18 15.12 -16.92
CA ARG F 83 16.86 14.82 -16.35
C ARG F 83 15.81 14.67 -17.43
N PHE F 84 16.09 15.11 -18.66
CA PHE F 84 15.17 14.94 -19.76
C PHE F 84 15.47 13.63 -20.46
N SER F 85 14.43 12.88 -20.79
CA SER F 85 14.59 11.67 -21.57
C SER F 85 13.38 11.48 -22.44
N GLY F 86 13.55 10.67 -23.49
CA GLY F 86 12.47 10.32 -24.38
C GLY F 86 12.53 8.84 -24.72
N SER F 87 11.35 8.28 -24.96
CA SER F 87 11.24 6.88 -25.31
C SER F 87 10.10 6.67 -26.32
N GLY F 88 10.08 5.47 -26.87
CA GLY F 88 9.06 5.01 -27.78
C GLY F 88 9.59 4.79 -29.19
N SER F 89 8.74 4.16 -30.00
CA SER F 89 9.05 3.87 -31.40
C SER F 89 7.78 3.33 -32.04
N GLY F 90 7.55 3.71 -33.30
CA GLY F 90 6.35 3.29 -34.00
C GLY F 90 5.28 4.35 -33.98
N THR F 91 4.31 4.21 -33.08
CA THR F 91 3.20 5.15 -32.99
C THR F 91 3.06 5.78 -31.62
N ASP F 92 3.70 5.24 -30.59
CA ASP F 92 3.60 5.73 -29.22
C ASP F 92 4.95 6.15 -28.71
N PHE F 93 5.01 7.35 -28.13
CA PHE F 93 6.25 7.93 -27.64
C PHE F 93 6.00 8.58 -26.30
N THR F 94 7.05 8.65 -25.48
CA THR F 94 6.97 9.20 -24.15
C THR F 94 8.15 10.12 -23.92
N PHE F 95 7.88 11.25 -23.30
CA PHE F 95 8.88 12.19 -22.83
C PHE F 95 8.79 12.29 -21.31
N THR F 96 9.93 12.18 -20.64
CA THR F 96 10.01 12.15 -19.18
C THR F 96 11.01 13.17 -18.66
N ILE F 97 10.58 13.90 -17.63
CA ILE F 97 11.47 14.68 -16.77
C ILE F 97 11.62 13.95 -15.44
N SER F 98 12.84 13.53 -15.13
CA SER F 98 13.05 12.66 -13.97
C SER F 98 12.81 13.40 -12.66
N SER F 99 13.17 14.69 -12.62
CA SER F 99 13.08 15.49 -11.39
C SER F 99 12.81 16.93 -11.83
N LEU F 100 11.54 17.34 -11.73
CA LEU F 100 11.14 18.63 -12.30
C LEU F 100 11.86 19.77 -11.61
N GLN F 101 12.37 20.72 -12.40
CA GLN F 101 13.02 21.94 -11.93
C GLN F 101 12.26 23.21 -12.32
N PRO F 102 12.50 24.32 -11.61
CA PRO F 102 11.78 25.57 -11.92
C PRO F 102 11.94 26.03 -13.35
N GLU F 103 13.13 25.84 -13.94
CA GLU F 103 13.37 26.30 -15.31
C GLU F 103 12.64 25.47 -16.35
N ASP F 104 11.94 24.41 -15.94
CA ASP F 104 11.26 23.51 -16.86
C ASP F 104 9.85 23.96 -17.18
N ILE F 105 9.37 25.03 -16.54
CA ILE F 105 8.09 25.63 -16.92
C ILE F 105 8.14 25.94 -18.42
N ALA F 106 7.22 25.35 -19.17
CA ALA F 106 7.27 25.42 -20.63
C ALA F 106 6.09 24.63 -21.17
N THR F 107 5.91 24.75 -22.47
CA THR F 107 5.06 23.85 -23.24
C THR F 107 5.95 22.92 -24.03
N TYR F 108 5.67 21.63 -23.96
CA TYR F 108 6.49 20.66 -24.65
C TYR F 108 5.69 20.18 -25.86
N TYR F 109 6.39 19.95 -26.95
CA TYR F 109 5.80 19.48 -28.19
C TYR F 109 6.61 18.33 -28.73
N CYS F 110 5.91 17.32 -29.21
CA CYS F 110 6.52 16.35 -30.09
C CYS F 110 6.32 16.79 -31.53
N GLN F 111 7.18 16.31 -32.41
CA GLN F 111 7.05 16.62 -33.83
C GLN F 111 7.61 15.44 -34.61
N GLN F 112 6.85 14.96 -35.58
CA GLN F 112 7.34 13.94 -36.48
C GLN F 112 8.00 14.61 -37.68
N TYR F 113 9.06 13.99 -38.16
CA TYR F 113 9.78 14.42 -39.35
C TYR F 113 9.98 13.22 -40.26
N HIS F 114 8.97 12.34 -40.25
CA HIS F 114 8.88 11.23 -41.18
C HIS F 114 8.39 11.66 -42.55
N ASN F 115 7.38 12.52 -42.62
CA ASN F 115 6.81 12.88 -43.91
C ASN F 115 6.30 14.31 -43.93
N LEU F 116 6.63 15.06 -44.97
CA LEU F 116 6.14 16.43 -44.99
C LEU F 116 4.63 16.31 -45.23
N PRO F 117 3.80 17.16 -44.65
CA PRO F 117 4.27 18.17 -43.70
C PRO F 117 4.71 17.60 -42.36
N TYR F 118 5.68 18.27 -41.74
CA TYR F 118 6.24 17.86 -40.44
C TYR F 118 5.32 18.34 -39.34
N THR F 119 4.42 17.46 -38.94
CA THR F 119 3.30 17.87 -38.13
C THR F 119 3.69 17.88 -36.66
N PHE F 120 3.04 18.77 -35.92
CA PHE F 120 3.29 18.97 -34.50
C PHE F 120 2.18 18.30 -33.69
N GLY F 121 2.54 17.83 -32.51
CA GLY F 121 1.55 17.56 -31.52
C GLY F 121 0.93 18.86 -31.05
N PRO F 122 -0.17 18.78 -30.31
CA PRO F 122 -0.87 20.00 -29.89
C PRO F 122 -0.33 20.62 -28.62
N GLY F 123 0.70 20.03 -28.03
CA GLY F 123 1.40 20.63 -26.92
C GLY F 123 0.96 20.08 -25.57
N THR F 124 1.88 20.17 -24.62
CA THR F 124 1.62 19.89 -23.22
C THR F 124 2.19 21.05 -22.42
N LYS F 125 1.32 21.81 -21.76
CA LYS F 125 1.75 22.93 -20.93
C LYS F 125 2.04 22.47 -19.51
N LEU F 126 3.29 22.58 -19.10
CA LEU F 126 3.74 22.11 -17.79
C LEU F 126 3.91 23.32 -16.88
N GLU F 127 3.26 23.31 -15.71
CA GLU F 127 3.43 24.40 -14.76
C GLU F 127 3.85 23.85 -13.40
N ILE F 128 4.48 24.72 -12.62
CA ILE F 128 4.84 24.47 -11.23
C ILE F 128 3.75 24.93 -10.26
N LYS F 129 3.46 24.10 -9.26
CA LYS F 129 2.47 24.34 -8.20
C LYS F 129 1.13 23.73 -8.59
N THR G 22 5.12 6.66 12.57
CA THR G 22 4.56 7.94 13.10
C THR G 22 3.82 8.70 12.00
N ASP G 23 4.08 10.01 11.88
CA ASP G 23 3.39 10.87 10.93
C ASP G 23 3.84 10.59 9.50
N ILE G 24 3.23 9.58 8.86
CA ILE G 24 3.55 9.26 7.49
C ILE G 24 3.08 10.39 6.57
N GLN G 25 3.96 10.86 5.71
CA GLN G 25 3.64 11.94 4.77
C GLN G 25 3.33 11.35 3.41
N MET G 26 2.17 11.71 2.86
CA MET G 26 1.74 11.25 1.54
C MET G 26 1.88 12.35 0.48
N THR G 27 2.71 12.10 -0.52
CA THR G 27 2.92 13.06 -1.61
C THR G 27 2.16 12.52 -2.80
N GLN G 28 1.78 13.41 -3.71
CA GLN G 28 0.95 12.96 -4.82
C GLN G 28 1.26 13.86 -6.01
N SER G 29 1.43 13.23 -7.19
CA SER G 29 1.79 13.94 -8.40
C SER G 29 0.98 13.35 -9.56
N PRO G 30 0.54 14.16 -10.53
CA PRO G 30 0.68 15.61 -10.42
C PRO G 30 -0.39 16.26 -9.56
N SER G 31 -0.22 17.57 -9.33
CA SER G 31 -1.19 18.35 -8.57
C SER G 31 -2.49 18.60 -9.34
N SER G 32 -2.40 18.87 -10.63
CA SER G 32 -3.58 19.06 -11.45
C SER G 32 -3.25 18.58 -12.84
N LEU G 33 -4.28 18.22 -13.60
CA LEU G 33 -4.01 17.87 -14.98
C LEU G 33 -5.26 17.96 -15.83
N SER G 34 -5.07 18.29 -17.11
CA SER G 34 -6.13 18.37 -18.08
C SER G 34 -5.84 17.36 -19.19
N ALA G 35 -6.89 16.71 -19.69
CA ALA G 35 -6.75 15.73 -20.76
C ALA G 35 -8.05 15.70 -21.56
N SER G 36 -8.04 14.92 -22.64
CA SER G 36 -9.18 14.83 -23.52
C SER G 36 -9.96 13.55 -23.23
N VAL G 37 -11.23 13.56 -23.60
CA VAL G 37 -12.06 12.36 -23.50
C VAL G 37 -11.38 11.24 -24.27
N GLY G 38 -11.30 10.07 -23.65
CA GLY G 38 -10.63 8.93 -24.25
C GLY G 38 -9.15 8.78 -23.98
N ASP G 39 -8.51 9.75 -23.31
CA ASP G 39 -7.09 9.61 -23.03
C ASP G 39 -6.83 8.73 -21.82
N ARG G 40 -5.62 8.16 -21.77
CA ARG G 40 -5.15 7.48 -20.58
C ARG G 40 -4.63 8.51 -19.59
N VAL G 41 -5.04 8.39 -18.32
CA VAL G 41 -4.59 9.25 -17.23
C VAL G 41 -3.84 8.44 -16.20
N THR G 42 -2.66 8.93 -15.79
CA THR G 42 -1.81 8.25 -14.83
C THR G 42 -1.44 9.20 -13.70
N ILE G 43 -1.79 8.81 -12.47
CA ILE G 43 -1.61 9.60 -11.25
C ILE G 43 -0.76 8.76 -10.31
N THR G 44 0.18 9.40 -9.61
CA THR G 44 1.05 8.70 -8.68
C THR G 44 0.89 9.22 -7.26
N CYS G 45 1.34 8.39 -6.31
CA CYS G 45 1.27 8.68 -4.88
C CYS G 45 2.44 8.00 -4.20
N GLN G 46 3.29 8.79 -3.55
CA GLN G 46 4.42 8.26 -2.80
C GLN G 46 4.21 8.43 -1.31
N ALA G 47 4.44 7.36 -0.56
CA ALA G 47 4.42 7.39 0.90
C ALA G 47 5.85 7.61 1.41
N SER G 48 5.98 8.30 2.54
CA SER G 48 7.29 8.56 3.11
C SER G 48 7.90 7.36 3.82
N GLN G 49 7.12 6.32 4.09
CA GLN G 49 7.64 5.06 4.60
C GLN G 49 6.76 3.95 4.07
N ASP G 50 7.28 2.73 4.12
CA ASP G 50 6.58 1.57 3.59
C ASP G 50 5.23 1.35 4.29
N ILE G 51 4.16 1.42 3.50
CA ILE G 51 2.80 1.26 3.97
C ILE G 51 2.19 -0.03 3.42
N SER G 52 3.03 -0.96 2.96
CA SER G 52 2.59 -2.23 2.38
C SER G 52 1.65 -1.89 1.23
N ASN G 53 0.48 -2.52 1.12
CA ASN G 53 -0.52 -2.15 0.12
C ASN G 53 -1.74 -1.50 0.75
N TYR G 54 -1.57 -0.87 1.90
CA TYR G 54 -2.69 -0.19 2.58
C TYR G 54 -2.85 1.22 2.03
N LEU G 55 -3.31 1.28 0.79
CA LEU G 55 -3.54 2.55 0.12
C LEU G 55 -4.93 2.52 -0.46
N ILE G 56 -5.69 3.56 -0.18
CA ILE G 56 -7.00 3.80 -0.75
C ILE G 56 -6.89 4.92 -1.78
N TRP G 57 -7.75 4.86 -2.79
CA TRP G 57 -7.95 5.98 -3.70
C TRP G 57 -9.42 6.41 -3.65
N TYR G 58 -9.64 7.68 -3.37
CA TYR G 58 -10.97 8.26 -3.32
C TYR G 58 -11.14 9.22 -4.49
N GLN G 59 -12.40 9.37 -4.91
CA GLN G 59 -12.80 10.38 -5.87
C GLN G 59 -13.72 11.34 -5.14
N GLN G 60 -13.43 12.63 -5.22
CA GLN G 60 -14.26 13.65 -4.59
C GLN G 60 -14.76 14.66 -5.62
N LYS G 61 -16.00 14.51 -6.04
CA LYS G 61 -16.58 15.48 -6.97
C LYS G 61 -16.95 16.77 -6.23
N PRO G 62 -17.01 17.89 -6.94
CA PRO G 62 -17.18 19.19 -6.27
C PRO G 62 -18.44 19.26 -5.43
N GLY G 63 -18.28 19.71 -4.18
CA GLY G 63 -19.33 19.78 -3.17
C GLY G 63 -19.69 18.51 -2.44
N LYS G 64 -19.09 17.37 -2.78
CA LYS G 64 -19.45 16.08 -2.22
C LYS G 64 -18.33 15.53 -1.35
N ALA G 65 -18.65 14.45 -0.65
CA ALA G 65 -17.69 13.74 0.16
C ALA G 65 -16.84 12.86 -0.73
N PRO G 66 -15.65 12.48 -0.27
CA PRO G 66 -14.87 11.48 -1.01
C PRO G 66 -15.60 10.16 -1.07
N LYS G 67 -15.45 9.48 -2.22
CA LYS G 67 -16.04 8.18 -2.46
C LYS G 67 -14.90 7.23 -2.79
N LEU G 68 -14.94 6.05 -2.18
CA LEU G 68 -13.86 5.10 -2.34
C LEU G 68 -13.94 4.40 -3.69
N LEU G 69 -12.84 4.39 -4.41
CA LEU G 69 -12.73 3.66 -5.67
C LEU G 69 -11.89 2.40 -5.52
N ILE G 70 -10.74 2.52 -4.87
CA ILE G 70 -9.74 1.46 -4.77
C ILE G 70 -9.28 1.30 -3.33
N TYR G 71 -9.16 0.04 -2.89
CA TYR G 71 -8.62 -0.28 -1.58
C TYR G 71 -7.55 -1.36 -1.77
N ASP G 72 -6.76 -1.58 -0.73
CA ASP G 72 -5.65 -2.54 -0.78
C ASP G 72 -4.73 -2.29 -1.97
N ALA G 73 -4.56 -1.01 -2.32
CA ALA G 73 -3.73 -0.55 -3.43
C ALA G 73 -4.27 -0.83 -4.82
N SER G 74 -4.93 -1.96 -5.03
CA SER G 74 -5.22 -2.43 -6.38
C SER G 74 -6.59 -3.08 -6.54
N ASN G 75 -7.39 -3.14 -5.48
CA ASN G 75 -8.72 -3.75 -5.54
C ASN G 75 -9.75 -2.68 -5.79
N LEU G 76 -10.65 -2.94 -6.73
CA LEU G 76 -11.67 -1.98 -7.11
C LEU G 76 -12.85 -2.26 -6.21
N GLU G 77 -13.51 -1.21 -5.74
CA GLU G 77 -14.71 -1.48 -4.98
C GLU G 77 -15.89 -1.79 -5.90
N THR G 78 -16.98 -2.24 -5.28
CA THR G 78 -18.17 -2.65 -6.00
C THR G 78 -18.77 -1.46 -6.74
N GLY G 79 -19.18 -1.70 -7.98
CA GLY G 79 -19.82 -0.70 -8.81
C GLY G 79 -18.89 0.31 -9.45
N VAL G 80 -17.60 0.25 -9.18
CA VAL G 80 -16.66 1.19 -9.78
C VAL G 80 -16.41 0.77 -11.22
N PRO G 81 -16.59 1.66 -12.22
CA PRO G 81 -16.30 1.26 -13.60
C PRO G 81 -14.88 0.72 -13.78
N SER G 82 -14.79 -0.28 -14.66
CA SER G 82 -13.53 -0.96 -14.98
C SER G 82 -12.45 -0.07 -15.59
N ARG G 83 -12.79 1.12 -16.09
CA ARG G 83 -11.74 1.98 -16.63
C ARG G 83 -10.78 2.44 -15.54
N PHE G 84 -11.15 2.30 -14.28
CA PHE G 84 -10.29 2.66 -13.16
C PHE G 84 -9.46 1.46 -12.73
N SER G 85 -8.19 1.71 -12.44
CA SER G 85 -7.32 0.67 -11.91
C SER G 85 -6.33 1.33 -10.97
N GLY G 86 -5.77 0.52 -10.08
CA GLY G 86 -4.73 0.98 -9.17
C GLY G 86 -3.63 -0.04 -9.05
N SER G 87 -2.42 0.47 -8.82
CA SER G 87 -1.25 -0.37 -8.65
C SER G 87 -0.27 0.22 -7.66
N GLY G 88 0.71 -0.60 -7.32
CA GLY G 88 1.82 -0.26 -6.46
C GLY G 88 1.80 -1.03 -5.14
N SER G 89 2.92 -0.89 -4.44
CA SER G 89 3.12 -1.52 -3.14
C SER G 89 4.41 -1.00 -2.55
N GLY G 90 4.41 -0.77 -1.25
CA GLY G 90 5.57 -0.25 -0.57
C GLY G 90 5.48 1.25 -0.35
N THR G 91 6.15 2.02 -1.21
CA THR G 91 6.18 3.47 -1.08
C THR G 91 5.68 4.20 -2.31
N ASP G 92 5.57 3.52 -3.45
CA ASP G 92 5.15 4.14 -4.70
C ASP G 92 3.88 3.47 -5.20
N PHE G 93 2.90 4.29 -5.57
CA PHE G 93 1.59 3.82 -6.00
C PHE G 93 1.13 4.62 -7.22
N THR G 94 0.29 3.98 -8.04
CA THR G 94 -0.22 4.58 -9.26
C THR G 94 -1.71 4.29 -9.36
N PHE G 95 -2.46 5.31 -9.78
CA PHE G 95 -3.87 5.20 -10.13
C PHE G 95 -4.02 5.54 -11.60
N THR G 96 -4.73 4.69 -12.35
CA THR G 96 -4.86 4.87 -13.79
C THR G 96 -6.32 4.84 -14.22
N ILE G 97 -6.69 5.79 -15.07
CA ILE G 97 -7.93 5.76 -15.87
C ILE G 97 -7.58 5.46 -17.31
N SER G 98 -8.07 4.34 -17.82
CA SER G 98 -7.65 3.88 -19.15
C SER G 98 -8.15 4.81 -20.25
N SER G 99 -9.36 5.36 -20.09
CA SER G 99 -10.00 6.18 -21.13
C SER G 99 -10.87 7.20 -20.40
N LEU G 100 -10.37 8.43 -20.27
CA LEU G 100 -11.01 9.43 -19.44
C LEU G 100 -12.40 9.77 -19.96
N GLN G 101 -13.37 9.85 -19.05
CA GLN G 101 -14.74 10.27 -19.35
C GLN G 101 -15.13 11.54 -18.62
N PRO G 102 -16.13 12.27 -19.13
CA PRO G 102 -16.54 13.53 -18.48
C PRO G 102 -16.95 13.37 -17.03
N GLU G 103 -17.60 12.26 -16.68
CA GLU G 103 -18.04 12.11 -15.31
C GLU G 103 -16.88 11.86 -14.35
N ASP G 104 -15.67 11.71 -14.85
CA ASP G 104 -14.51 11.44 -14.02
C ASP G 104 -13.85 12.73 -13.54
N ILE G 105 -14.31 13.89 -14.02
CA ILE G 105 -13.87 15.19 -13.51
C ILE G 105 -14.08 15.21 -12.01
N ALA G 106 -13.00 15.39 -11.27
CA ALA G 106 -13.02 15.27 -9.82
C ALA G 106 -11.59 15.53 -9.34
N THR G 107 -11.44 15.60 -8.02
CA THR G 107 -10.14 15.55 -7.38
C THR G 107 -9.99 14.17 -6.77
N TYR G 108 -8.86 13.52 -7.04
CA TYR G 108 -8.58 12.19 -6.55
C TYR G 108 -7.57 12.30 -5.42
N TYR G 109 -7.73 11.44 -4.42
CA TYR G 109 -6.84 11.41 -3.27
C TYR G 109 -6.41 9.98 -2.99
N CYS G 110 -5.13 9.82 -2.68
CA CYS G 110 -4.70 8.60 -2.04
C CYS G 110 -4.76 8.82 -0.54
N GLN G 111 -4.86 7.71 0.19
CA GLN G 111 -4.87 7.75 1.65
C GLN G 111 -4.26 6.44 2.11
N GLN G 112 -3.30 6.52 3.01
CA GLN G 112 -2.75 5.31 3.61
C GLN G 112 -3.56 4.99 4.85
N TYR G 113 -3.75 3.70 5.09
CA TYR G 113 -4.45 3.17 6.25
C TYR G 113 -3.61 2.06 6.85
N HIS G 114 -2.29 2.23 6.79
CA HIS G 114 -1.39 1.32 7.47
C HIS G 114 -1.38 1.56 8.97
N ASN G 115 -1.32 2.82 9.38
CA ASN G 115 -1.24 3.12 10.81
C ASN G 115 -1.91 4.44 11.09
N LEU G 116 -2.71 4.51 12.15
CA LEU G 116 -3.38 5.77 12.44
C LEU G 116 -2.26 6.70 12.89
N PRO G 117 -2.30 7.99 12.58
CA PRO G 117 -3.36 8.57 11.75
C PRO G 117 -3.31 8.22 10.27
N TYR G 118 -4.50 8.16 9.66
CA TYR G 118 -4.72 7.82 8.24
C TYR G 118 -4.54 9.00 7.30
N THR G 119 -3.34 9.16 6.76
CA THR G 119 -2.99 10.39 6.08
C THR G 119 -3.40 10.39 4.61
N PHE G 120 -3.71 11.58 4.11
CA PHE G 120 -4.10 11.85 2.73
C PHE G 120 -2.93 12.44 1.96
N GLY G 121 -2.88 12.13 0.67
CA GLY G 121 -2.15 12.92 -0.29
C GLY G 121 -2.80 14.27 -0.46
N PRO G 122 -2.11 15.18 -1.13
CA PRO G 122 -2.62 16.55 -1.28
C PRO G 122 -3.60 16.74 -2.43
N GLY G 123 -3.88 15.67 -3.16
CA GLY G 123 -4.91 15.67 -4.17
C GLY G 123 -4.37 15.83 -5.58
N THR G 124 -5.14 15.33 -6.55
CA THR G 124 -4.89 15.54 -7.96
C THR G 124 -6.21 15.98 -8.57
N LYS G 125 -6.26 17.23 -9.05
CA LYS G 125 -7.45 17.78 -9.71
C LYS G 125 -7.42 17.50 -11.20
N LEU G 126 -8.38 16.70 -11.67
CA LEU G 126 -8.45 16.27 -13.07
C LEU G 126 -9.53 17.04 -13.82
N GLU G 127 -9.17 17.70 -14.93
CA GLU G 127 -10.15 18.41 -15.75
C GLU G 127 -10.06 17.94 -17.20
N ILE G 128 -11.14 18.18 -17.95
CA ILE G 128 -11.19 17.95 -19.40
C ILE G 128 -10.79 19.21 -20.17
N LYS G 129 -10.50 19.02 -21.46
CA LYS G 129 -10.12 20.10 -22.37
C LYS G 129 -8.72 20.60 -22.01
N THR H 22 -21.65 -4.63 6.35
CA THR H 22 -21.91 -4.38 4.90
C THR H 22 -21.78 -2.88 4.58
N ASP H 23 -22.61 -2.38 3.66
CA ASP H 23 -22.54 -0.99 3.23
C ASP H 23 -23.05 -0.05 4.33
N ILE H 24 -22.15 0.30 5.24
CA ILE H 24 -22.50 1.22 6.33
C ILE H 24 -22.78 2.61 5.77
N GLN H 25 -23.91 3.19 6.15
CA GLN H 25 -24.31 4.53 5.72
C GLN H 25 -24.00 5.51 6.83
N MET H 26 -23.25 6.57 6.52
CA MET H 26 -22.91 7.60 7.49
C MET H 26 -23.74 8.86 7.27
N THR H 27 -24.53 9.22 8.28
CA THR H 27 -25.38 10.39 8.22
C THR H 27 -24.69 11.43 9.09
N GLN H 28 -24.88 12.70 8.75
CA GLN H 28 -24.15 13.74 9.46
C GLN H 28 -25.01 14.98 9.51
N SER H 29 -25.07 15.60 10.69
N SER H 29 -25.05 15.62 10.69
CA SER H 29 -25.92 16.77 10.95
CA SER H 29 -25.87 16.79 10.91
C SER H 29 -25.16 17.76 11.82
C SER H 29 -25.06 17.77 11.74
N PRO H 30 -25.21 19.08 11.50
CA PRO H 30 -26.01 19.57 10.39
C PRO H 30 -25.29 19.52 9.04
N SER H 31 -26.03 19.85 7.98
N SER H 31 -26.05 19.84 7.99
CA SER H 31 -25.44 19.89 6.65
CA SER H 31 -25.51 19.91 6.63
C SER H 31 -24.53 21.10 6.49
C SER H 31 -24.62 21.12 6.39
N SER H 32 -24.98 22.27 6.96
CA SER H 32 -24.19 23.49 6.86
C SER H 32 -24.39 24.25 8.14
N LEU H 33 -23.43 25.13 8.45
CA LEU H 33 -23.65 25.97 9.63
C LEU H 33 -22.78 27.22 9.62
N SER H 34 -23.33 28.28 10.23
CA SER H 34 -22.66 29.55 10.40
C SER H 34 -22.53 29.85 11.88
N ALA H 35 -21.40 30.42 12.29
CA ALA H 35 -21.19 30.77 13.70
C ALA H 35 -20.24 31.95 13.80
N SER H 36 -20.06 32.44 15.02
CA SER H 36 -19.20 33.59 15.27
C SER H 36 -17.88 33.10 15.84
N VAL H 37 -16.84 33.93 15.68
CA VAL H 37 -15.56 33.64 16.31
C VAL H 37 -15.74 33.52 17.81
N GLY H 38 -15.18 32.46 18.40
CA GLY H 38 -15.31 32.22 19.82
C GLY H 38 -16.51 31.41 20.27
N ASP H 39 -17.44 31.09 19.38
CA ASP H 39 -18.61 30.32 19.82
C ASP H 39 -18.30 28.83 19.91
N ARG H 40 -19.09 28.12 20.73
CA ARG H 40 -19.04 26.67 20.75
C ARG H 40 -19.87 26.09 19.62
N VAL H 41 -19.31 25.14 18.86
CA VAL H 41 -19.98 24.45 17.77
C VAL H 41 -20.06 22.94 18.06
N THR H 42 -21.25 22.36 17.88
CA THR H 42 -21.46 20.93 18.13
C THR H 42 -22.11 20.30 16.90
N ILE H 43 -21.42 19.32 16.30
CA ILE H 43 -21.86 18.62 15.10
C ILE H 43 -21.90 17.13 15.43
N THR H 44 -22.91 16.44 14.90
CA THR H 44 -23.12 15.02 15.16
C THR H 44 -23.03 14.20 13.87
N CYS H 45 -22.83 12.90 14.08
CA CYS H 45 -22.68 11.92 13.02
C CYS H 45 -23.27 10.61 13.54
N GLN H 46 -24.27 10.10 12.82
CA GLN H 46 -24.94 8.86 13.14
C GLN H 46 -24.60 7.80 12.11
N ALA H 47 -24.19 6.63 12.57
CA ALA H 47 -23.95 5.48 11.71
C ALA H 47 -25.18 4.58 11.64
N SER H 48 -25.36 3.95 10.47
CA SER H 48 -26.48 3.04 10.24
C SER H 48 -26.25 1.68 10.90
N GLN H 49 -25.04 1.41 11.38
CA GLN H 49 -24.79 0.20 12.14
C GLN H 49 -23.72 0.45 13.19
N ASP H 50 -23.69 -0.42 14.20
CA ASP H 50 -22.74 -0.27 15.30
C ASP H 50 -21.30 -0.36 14.82
N ILE H 51 -20.54 0.72 14.99
CA ILE H 51 -19.14 0.75 14.55
C ILE H 51 -18.19 0.87 15.75
N SER H 52 -18.66 0.56 16.96
CA SER H 52 -17.85 0.66 18.18
C SER H 52 -17.34 2.11 18.23
N ASN H 53 -16.05 2.34 18.45
CA ASN H 53 -15.48 3.69 18.39
C ASN H 53 -14.55 3.88 17.19
N TYR H 54 -14.77 3.14 16.11
CA TYR H 54 -13.95 3.28 14.91
C TYR H 54 -14.50 4.40 14.04
N LEU H 55 -14.34 5.62 14.54
CA LEU H 55 -14.78 6.83 13.85
C LEU H 55 -13.65 7.85 13.80
N ILE H 56 -13.39 8.37 12.62
CA ILE H 56 -12.45 9.46 12.38
C ILE H 56 -13.26 10.72 12.11
N TRP H 57 -12.68 11.86 12.46
CA TRP H 57 -13.17 13.18 12.05
C TRP H 57 -12.08 13.93 11.30
N TYR H 58 -12.41 14.36 10.08
CA TYR H 58 -11.51 15.14 9.23
C TYR H 58 -12.02 16.56 9.07
N GLN H 59 -11.06 17.47 8.85
CA GLN H 59 -11.32 18.85 8.48
C GLN H 59 -10.73 19.05 7.08
N GLN H 60 -11.54 19.57 6.15
CA GLN H 60 -11.09 19.82 4.79
C GLN H 60 -11.26 21.29 4.42
N LYS H 61 -10.18 22.06 4.46
CA LYS H 61 -10.23 23.44 4.06
C LYS H 61 -10.30 23.57 2.54
N PRO H 62 -10.85 24.68 2.04
CA PRO H 62 -11.10 24.80 0.59
C PRO H 62 -9.83 24.64 -0.24
N GLY H 63 -9.91 23.78 -1.26
CA GLY H 63 -8.79 23.42 -2.11
C GLY H 63 -7.79 22.43 -1.56
N LYS H 64 -7.93 21.99 -0.31
CA LYS H 64 -6.96 21.13 0.35
C LYS H 64 -7.55 19.75 0.58
N ALA H 65 -6.66 18.85 1.01
CA ALA H 65 -7.03 17.50 1.38
C ALA H 65 -7.61 17.50 2.78
N PRO H 66 -8.40 16.48 3.12
CA PRO H 66 -8.83 16.31 4.51
C PRO H 66 -7.65 16.08 5.43
N LYS H 67 -7.76 16.63 6.65
CA LYS H 67 -6.75 16.48 7.69
C LYS H 67 -7.41 15.84 8.90
N LEU H 68 -6.82 14.75 9.37
CA LEU H 68 -7.38 14.03 10.50
C LEU H 68 -7.21 14.85 11.77
N LEU H 69 -8.32 15.04 12.51
CA LEU H 69 -8.30 15.70 13.80
C LEU H 69 -8.46 14.72 14.96
N ILE H 70 -9.43 13.81 14.84
CA ILE H 70 -9.81 12.90 15.91
C ILE H 70 -9.91 11.48 15.37
N TYR H 71 -9.39 10.53 16.13
CA TYR H 71 -9.50 9.12 15.79
C TYR H 71 -9.99 8.38 17.02
N ASP H 72 -10.42 7.14 16.82
CA ASP H 72 -11.01 6.32 17.88
C ASP H 72 -12.14 7.05 18.60
N ALA H 73 -12.90 7.83 17.82
CA ALA H 73 -14.04 8.64 18.25
C ALA H 73 -13.70 9.87 19.11
N SER H 74 -12.69 9.77 19.98
CA SER H 74 -12.52 10.79 21.02
C SER H 74 -11.06 11.16 21.29
N ASN H 75 -10.11 10.55 20.60
CA ASN H 75 -8.68 10.81 20.79
C ASN H 75 -8.19 11.83 19.77
N LEU H 76 -7.44 12.83 20.24
CA LEU H 76 -6.94 13.88 19.37
C LEU H 76 -5.59 13.46 18.84
N GLU H 77 -5.33 13.75 17.56
CA GLU H 77 -3.99 13.51 17.06
C GLU H 77 -3.04 14.63 17.47
N THR H 78 -1.76 14.40 17.21
CA THR H 78 -0.71 15.34 17.58
C THR H 78 -0.88 16.67 16.85
N GLY H 79 -0.64 17.77 17.57
CA GLY H 79 -0.71 19.08 16.97
C GLY H 79 -2.11 19.63 16.82
N VAL H 80 -3.12 18.88 17.18
CA VAL H 80 -4.52 19.32 17.05
C VAL H 80 -4.82 20.30 18.18
N PRO H 81 -5.34 21.50 17.89
CA PRO H 81 -5.67 22.41 18.98
C PRO H 81 -6.61 21.77 19.99
N SER H 82 -6.38 22.11 21.27
CA SER H 82 -7.18 21.58 22.36
C SER H 82 -8.65 21.96 22.30
N ARG H 83 -9.01 22.99 21.52
CA ARG H 83 -10.42 23.36 21.38
C ARG H 83 -11.24 22.30 20.67
N PHE H 84 -10.60 21.36 19.98
CA PHE H 84 -11.31 20.29 19.28
C PHE H 84 -11.49 19.09 20.19
N SER H 85 -12.69 18.52 20.16
CA SER H 85 -12.95 17.29 20.89
C SER H 85 -13.95 16.46 20.13
N GLY H 86 -13.96 15.17 20.45
CA GLY H 86 -14.92 14.23 19.89
C GLY H 86 -15.45 13.32 20.97
N SER H 87 -16.69 12.88 20.80
CA SER H 87 -17.32 11.97 21.73
C SER H 87 -18.22 11.00 20.99
N GLY H 88 -18.64 9.98 21.73
CA GLY H 88 -19.58 8.98 21.28
C GLY H 88 -18.95 7.61 21.14
N SER H 89 -19.83 6.63 20.94
CA SER H 89 -19.48 5.24 20.74
C SER H 89 -20.74 4.49 20.36
N GLY H 90 -20.60 3.53 19.44
CA GLY H 90 -21.75 2.77 18.96
C GLY H 90 -22.28 3.29 17.65
N THR H 91 -23.36 4.07 17.68
CA THR H 91 -23.98 4.58 16.46
C THR H 91 -24.09 6.10 16.40
N ASP H 92 -23.93 6.80 17.52
CA ASP H 92 -24.05 8.25 17.59
C ASP H 92 -22.75 8.87 18.06
N PHE H 93 -22.29 9.88 17.34
CA PHE H 93 -21.02 10.53 17.62
C PHE H 93 -21.20 12.04 17.51
N THR H 94 -20.37 12.77 18.24
CA THR H 94 -20.43 14.23 18.27
C THR H 94 -19.02 14.77 18.17
N PHE H 95 -18.86 15.82 17.37
CA PHE H 95 -17.62 16.58 17.27
C PHE H 95 -17.89 18.00 17.73
N THR H 96 -17.04 18.51 18.63
CA THR H 96 -17.20 19.82 19.23
C THR H 96 -15.94 20.66 19.08
N ILE H 97 -16.12 21.92 18.71
CA ILE H 97 -15.11 22.96 18.82
C ILE H 97 -15.46 23.88 19.97
N SER H 98 -14.59 23.94 20.98
CA SER H 98 -14.92 24.66 22.21
C SER H 98 -14.97 26.16 21.95
N SER H 99 -14.12 26.67 21.05
CA SER H 99 -13.99 28.11 20.80
C SER H 99 -13.60 28.29 19.33
N LEU H 100 -14.59 28.60 18.50
CA LEU H 100 -14.38 28.63 17.06
C LEU H 100 -13.37 29.71 16.69
N GLN H 101 -12.43 29.37 15.81
CA GLN H 101 -11.44 30.29 15.27
C GLN H 101 -11.56 30.47 13.76
N PRO H 102 -11.03 31.58 13.23
CA PRO H 102 -11.16 31.83 11.78
C PRO H 102 -10.60 30.72 10.92
N GLU H 103 -9.54 30.06 11.35
CA GLU H 103 -8.92 29.01 10.55
C GLU H 103 -9.76 27.75 10.49
N ASP H 104 -10.88 27.70 11.22
CA ASP H 104 -11.71 26.51 11.28
C ASP H 104 -12.74 26.47 10.17
N ILE H 105 -12.86 27.54 9.37
CA ILE H 105 -13.71 27.52 8.18
C ILE H 105 -13.27 26.33 7.34
N ALA H 106 -14.20 25.41 7.10
CA ALA H 106 -13.87 24.13 6.47
C ALA H 106 -15.16 23.35 6.37
N THR H 107 -15.07 22.22 5.67
CA THR H 107 -16.09 21.19 5.71
C THR H 107 -15.56 20.05 6.56
N TYR H 108 -16.38 19.59 7.50
CA TYR H 108 -15.97 18.51 8.40
C TYR H 108 -16.67 17.24 7.98
N TYR H 109 -15.95 16.13 8.10
CA TYR H 109 -16.46 14.82 7.73
C TYR H 109 -16.19 13.82 8.83
N CYS H 110 -17.18 12.98 9.11
CA CYS H 110 -16.88 11.77 9.85
C CYS H 110 -16.60 10.67 8.84
N GLN H 111 -15.86 9.66 9.29
CA GLN H 111 -15.55 8.50 8.45
C GLN H 111 -15.43 7.32 9.40
N GLN H 112 -16.10 6.23 9.08
CA GLN H 112 -15.95 5.01 9.85
C GLN H 112 -14.80 4.19 9.27
N TYR H 113 -14.07 3.51 10.16
CA TYR H 113 -12.98 2.62 9.80
C TYR H 113 -13.15 1.31 10.53
N HIS H 114 -14.41 0.93 10.70
CA HIS H 114 -14.81 -0.38 11.20
C HIS H 114 -14.70 -1.41 10.11
N ASN H 115 -15.11 -1.05 8.91
CA ASN H 115 -15.15 -2.01 7.82
C ASN H 115 -14.87 -1.44 6.46
N LEU H 116 -14.05 -2.13 5.69
CA LEU H 116 -13.79 -1.67 4.35
C LEU H 116 -15.15 -1.94 3.75
N PRO H 117 -15.64 -1.15 2.78
CA PRO H 117 -14.96 0.01 2.16
C PRO H 117 -14.76 1.34 2.92
N TYR H 118 -15.02 1.49 4.21
CA TYR H 118 -14.86 2.76 4.94
C TYR H 118 -15.55 4.03 4.42
N THR H 119 -16.78 4.25 4.85
CA THR H 119 -17.68 5.25 4.30
C THR H 119 -17.56 6.63 4.95
N PHE H 120 -17.86 7.69 4.18
CA PHE H 120 -17.83 9.07 4.68
C PHE H 120 -19.26 9.51 4.93
N GLY H 121 -19.42 10.38 5.93
CA GLY H 121 -20.59 11.21 6.05
C GLY H 121 -20.61 12.21 4.92
N PRO H 122 -21.74 12.90 4.75
CA PRO H 122 -21.88 13.81 3.61
C PRO H 122 -21.31 15.20 3.86
N GLY H 123 -20.75 15.43 5.05
CA GLY H 123 -20.03 16.64 5.33
C GLY H 123 -20.87 17.64 6.11
N THR H 124 -20.17 18.51 6.83
CA THR H 124 -20.76 19.66 7.50
C THR H 124 -19.92 20.86 7.13
N LYS H 125 -20.51 21.81 6.41
CA LYS H 125 -19.81 23.03 6.02
C LYS H 125 -19.97 24.09 7.09
N LEU H 126 -18.87 24.46 7.72
CA LEU H 126 -18.87 25.42 8.81
C LEU H 126 -18.35 26.76 8.27
N GLU H 127 -19.12 27.82 8.44
CA GLU H 127 -18.67 29.13 8.01
C GLU H 127 -18.77 30.08 9.20
N ILE H 128 -18.03 31.17 9.14
CA ILE H 128 -18.11 32.25 10.11
C ILE H 128 -19.15 33.28 9.67
N LYS H 129 -19.52 34.18 10.58
CA LYS H 129 -20.50 35.24 10.31
C LYS H 129 -21.89 34.66 10.10
N THR I 22 -24.95 1.92 25.49
CA THR I 22 -25.71 2.54 26.61
C THR I 22 -25.38 1.84 27.94
N ASP I 23 -26.39 1.59 28.76
CA ASP I 23 -26.18 1.00 30.09
C ASP I 23 -25.79 -0.48 30.02
N ILE I 24 -24.50 -0.77 29.85
CA ILE I 24 -24.02 -2.14 29.83
C ILE I 24 -24.19 -2.77 31.21
N GLN I 25 -24.79 -3.96 31.26
CA GLN I 25 -25.01 -4.70 32.49
C GLN I 25 -23.95 -5.77 32.65
N MET I 26 -23.28 -5.79 33.81
CA MET I 26 -22.25 -6.77 34.11
C MET I 26 -22.76 -7.83 35.07
N THR I 27 -22.76 -9.08 34.62
CA THR I 27 -23.23 -10.22 35.40
C THR I 27 -21.98 -10.96 35.86
N GLN I 28 -22.03 -11.50 37.08
CA GLN I 28 -20.84 -12.14 37.62
C GLN I 28 -21.27 -13.32 38.46
N SER I 29 -20.57 -14.44 38.31
N SER I 29 -20.58 -14.45 38.29
CA SER I 29 -20.91 -15.70 38.94
CA SER I 29 -20.91 -15.68 38.99
C SER I 29 -19.63 -16.40 39.38
C SER I 29 -19.61 -16.35 39.42
N PRO I 30 -19.61 -17.04 40.56
CA PRO I 30 -20.76 -17.06 41.46
C PRO I 30 -20.82 -15.81 42.34
N SER I 31 -21.89 -15.74 43.14
N SER I 31 -21.91 -15.72 43.11
CA SER I 31 -22.06 -14.62 44.06
CA SER I 31 -22.08 -14.61 44.05
C SER I 31 -21.11 -14.73 45.24
C SER I 31 -21.16 -14.73 45.28
N SER I 32 -20.95 -15.93 45.79
CA SER I 32 -20.04 -16.16 46.90
C SER I 32 -19.47 -17.55 46.71
N LEU I 33 -18.31 -17.78 47.31
CA LEU I 33 -17.77 -19.13 47.26
C LEU I 33 -16.74 -19.38 48.35
N SER I 34 -16.67 -20.64 48.79
CA SER I 34 -15.71 -21.10 49.78
C SER I 34 -14.84 -22.18 49.14
N ALA I 35 -13.55 -22.17 49.48
CA ALA I 35 -12.62 -23.17 48.96
C ALA I 35 -11.49 -23.37 49.96
N SER I 36 -10.63 -24.34 49.67
CA SER I 36 -9.53 -24.68 50.56
C SER I 36 -8.25 -24.07 50.00
N VAL I 37 -7.28 -23.88 50.90
CA VAL I 37 -5.95 -23.43 50.49
C VAL I 37 -5.37 -24.40 49.48
N GLY I 38 -4.83 -23.84 48.38
CA GLY I 38 -4.28 -24.64 47.31
C GLY I 38 -5.24 -25.06 46.21
N ASP I 39 -6.53 -24.80 46.34
CA ASP I 39 -7.43 -25.20 45.27
C ASP I 39 -7.41 -24.18 44.15
N ARG I 40 -7.79 -24.63 42.95
CA ARG I 40 -8.01 -23.71 41.83
C ARG I 40 -9.41 -23.13 41.95
N VAL I 41 -9.51 -21.80 41.83
CA VAL I 41 -10.79 -21.08 41.86
C VAL I 41 -11.05 -20.38 40.53
N THR I 42 -12.25 -20.56 39.97
CA THR I 42 -12.61 -19.96 38.69
C THR I 42 -13.93 -19.21 38.84
N ILE I 43 -13.90 -17.91 38.57
CA ILE I 43 -15.04 -17.01 38.68
C ILE I 43 -15.23 -16.38 37.30
N THR I 44 -16.49 -16.21 36.90
CA THR I 44 -16.82 -15.68 35.57
C THR I 44 -17.58 -14.36 35.65
N CYS I 45 -17.56 -13.67 34.50
CA CYS I 45 -18.18 -12.36 34.34
C CYS I 45 -18.66 -12.23 32.90
N GLN I 46 -19.97 -12.03 32.74
CA GLN I 46 -20.59 -11.85 31.43
C GLN I 46 -21.09 -10.42 31.26
N ALA I 47 -20.76 -9.81 30.12
CA ALA I 47 -21.28 -8.49 29.77
C ALA I 47 -22.52 -8.61 28.88
N SER I 48 -23.44 -7.66 29.04
CA SER I 48 -24.67 -7.65 28.26
C SER I 48 -24.46 -7.17 26.83
N GLN I 49 -23.28 -6.63 26.52
CA GLN I 49 -22.94 -6.28 25.16
C GLN I 49 -21.45 -6.48 24.92
N ASP I 50 -21.08 -6.59 23.66
CA ASP I 50 -19.68 -6.85 23.30
C ASP I 50 -18.79 -5.71 23.78
N ILE I 51 -17.85 -6.01 24.67
CA ILE I 51 -16.94 -5.00 25.22
C ILE I 51 -15.50 -5.26 24.80
N SER I 52 -15.28 -6.05 23.74
CA SER I 52 -13.93 -6.38 23.27
C SER I 52 -13.17 -6.97 24.47
N ASN I 53 -11.94 -6.53 24.76
CA ASN I 53 -11.23 -6.97 25.96
C ASN I 53 -11.05 -5.84 26.97
N TYR I 54 -11.95 -4.87 26.98
CA TYR I 54 -11.88 -3.76 27.96
C TYR I 54 -12.57 -4.16 29.25
N LEU I 55 -11.92 -5.09 29.96
CA LEU I 55 -12.40 -5.62 31.24
C LEU I 55 -11.28 -5.56 32.26
N ILE I 56 -11.60 -5.01 33.42
CA ILE I 56 -10.71 -4.99 34.59
C ILE I 56 -11.22 -6.01 35.62
N TRP I 57 -10.29 -6.55 36.39
CA TRP I 57 -10.62 -7.32 37.60
C TRP I 57 -9.94 -6.67 38.80
N TYR I 58 -10.74 -6.34 39.81
CA TYR I 58 -10.27 -5.75 41.05
C TYR I 58 -10.44 -6.73 42.20
N GLN I 59 -9.58 -6.59 43.20
CA GLN I 59 -9.69 -7.31 44.47
C GLN I 59 -9.93 -6.27 45.55
N GLN I 60 -10.98 -6.48 46.36
CA GLN I 60 -11.30 -5.55 47.45
C GLN I 60 -11.31 -6.27 48.80
N LYS I 61 -10.24 -6.13 49.55
CA LYS I 61 -10.21 -6.70 50.88
C LYS I 61 -11.06 -5.87 51.84
N PRO I 62 -11.55 -6.48 52.92
CA PRO I 62 -12.50 -5.78 53.79
C PRO I 62 -11.94 -4.48 54.36
N GLY I 63 -12.72 -3.41 54.24
CA GLY I 63 -12.31 -2.07 54.62
C GLY I 63 -11.41 -1.32 53.67
N LYS I 64 -10.98 -1.93 52.57
CA LYS I 64 -10.02 -1.33 51.67
C LYS I 64 -10.65 -0.97 50.33
N ALA I 65 -9.89 -0.25 49.55
CA ALA I 65 -10.26 0.12 48.21
C ALA I 65 -10.01 -1.05 47.27
N PRO I 66 -10.68 -1.08 46.12
CA PRO I 66 -10.35 -2.06 45.11
C PRO I 66 -8.92 -1.88 44.61
N LYS I 67 -8.27 -3.00 44.31
CA LYS I 67 -6.92 -3.04 43.80
C LYS I 67 -6.94 -3.74 42.45
N LEU I 68 -6.52 -3.02 41.42
CA LEU I 68 -6.47 -3.59 40.09
C LEU I 68 -5.55 -4.80 40.09
N LEU I 69 -6.06 -5.92 39.58
CA LEU I 69 -5.23 -7.12 39.40
C LEU I 69 -4.92 -7.36 37.94
N ILE I 70 -5.94 -7.25 37.11
CA ILE I 70 -5.88 -7.59 35.68
C ILE I 70 -6.53 -6.48 34.87
N TYR I 71 -5.90 -6.11 33.76
CA TYR I 71 -6.47 -5.14 32.85
C TYR I 71 -6.41 -5.73 31.44
N ASP I 72 -7.14 -5.11 30.53
CA ASP I 72 -7.26 -5.60 29.16
C ASP I 72 -7.68 -7.08 29.12
N ALA I 73 -8.53 -7.46 30.07
CA ALA I 73 -9.07 -8.82 30.24
C ALA I 73 -8.09 -9.87 30.73
N SER I 74 -6.82 -9.80 30.31
CA SER I 74 -5.90 -10.92 30.47
C SER I 74 -4.48 -10.51 30.83
N ASN I 75 -4.22 -9.23 30.99
CA ASN I 75 -2.90 -8.70 31.30
C ASN I 75 -2.76 -8.50 32.80
N LEU I 76 -1.65 -8.94 33.36
CA LEU I 76 -1.41 -8.88 34.79
C LEU I 76 -0.76 -7.53 35.07
N GLU I 77 -1.18 -6.90 36.17
CA GLU I 77 -0.50 -5.67 36.55
C GLU I 77 0.82 -5.93 37.28
N THR I 78 1.55 -4.84 37.46
CA THR I 78 2.87 -4.87 38.09
C THR I 78 2.81 -5.29 39.56
N GLY I 79 3.59 -6.30 39.91
CA GLY I 79 3.71 -6.78 41.27
C GLY I 79 2.59 -7.68 41.77
N VAL I 80 1.56 -7.92 40.98
CA VAL I 80 0.47 -8.80 41.42
C VAL I 80 0.97 -10.23 41.26
N PRO I 81 0.89 -11.07 42.28
CA PRO I 81 1.35 -12.45 42.11
C PRO I 81 0.72 -13.18 40.93
N SER I 82 1.55 -14.00 40.29
CA SER I 82 1.22 -14.79 39.10
C SER I 82 0.12 -15.82 39.32
N ARG I 83 -0.23 -16.16 40.56
CA ARG I 83 -1.32 -17.13 40.72
C ARG I 83 -2.65 -16.58 40.21
N PHE I 84 -2.74 -15.27 40.01
CA PHE I 84 -3.94 -14.65 39.48
C PHE I 84 -3.83 -14.58 37.96
N SER I 85 -4.93 -14.90 37.28
CA SER I 85 -4.99 -14.78 35.84
C SER I 85 -6.40 -14.41 35.40
N GLY I 86 -6.48 -13.88 34.19
CA GLY I 86 -7.75 -13.55 33.59
C GLY I 86 -7.77 -13.98 32.14
N SER I 87 -8.96 -14.34 31.67
CA SER I 87 -9.16 -14.76 30.30
C SER I 87 -10.52 -14.30 29.80
N GLY I 88 -10.70 -14.42 28.49
CA GLY I 88 -11.94 -14.11 27.83
C GLY I 88 -11.82 -12.90 26.92
N SER I 89 -12.85 -12.71 26.13
CA SER I 89 -12.92 -11.59 25.20
C SER I 89 -14.31 -11.56 24.60
N GLY I 90 -14.85 -10.36 24.40
CA GLY I 90 -16.17 -10.24 23.85
C GLY I 90 -17.22 -10.02 24.93
N THR I 91 -17.91 -11.08 25.32
CA THR I 91 -18.99 -10.97 26.31
C THR I 91 -18.78 -11.84 27.55
N ASP I 92 -17.91 -12.83 27.49
CA ASP I 92 -17.65 -13.75 28.60
C ASP I 92 -16.19 -13.70 29.01
N PHE I 93 -15.97 -13.59 30.32
CA PHE I 93 -14.64 -13.45 30.88
C PHE I 93 -14.53 -14.34 32.12
N THR I 94 -13.30 -14.75 32.41
CA THR I 94 -13.01 -15.63 33.52
C THR I 94 -11.79 -15.09 34.27
N PHE I 95 -11.87 -15.13 35.59
CA PHE I 95 -10.76 -14.83 36.48
C PHE I 95 -10.43 -16.09 37.26
N THR I 96 -9.15 -16.45 37.29
CA THR I 96 -8.69 -17.69 37.92
C THR I 96 -7.59 -17.41 38.92
N ILE I 97 -7.71 -18.04 40.09
CA ILE I 97 -6.62 -18.16 41.06
C ILE I 97 -6.10 -19.59 41.02
N SER I 98 -4.83 -19.76 40.66
CA SER I 98 -4.30 -21.10 40.41
C SER I 98 -4.19 -21.90 41.70
N SER I 99 -3.87 -21.25 42.82
CA SER I 99 -3.64 -21.93 44.09
C SER I 99 -4.07 -20.97 45.20
N LEU I 100 -5.26 -21.19 45.74
CA LEU I 100 -5.82 -20.20 46.67
C LEU I 100 -4.94 -20.12 47.91
N GLN I 101 -4.67 -18.89 48.35
CA GLN I 101 -3.91 -18.58 49.55
C GLN I 101 -4.75 -17.84 50.59
N PRO I 102 -4.35 -17.88 51.87
CA PRO I 102 -5.13 -17.21 52.90
C PRO I 102 -5.35 -15.73 52.62
N GLU I 103 -4.36 -15.05 52.03
CA GLU I 103 -4.46 -13.63 51.76
C GLU I 103 -5.42 -13.31 50.63
N ASP I 104 -5.99 -14.31 49.95
CA ASP I 104 -6.87 -14.07 48.82
C ASP I 104 -8.32 -13.88 49.24
N ILE I 105 -8.64 -14.08 50.52
CA ILE I 105 -9.96 -13.74 51.05
C ILE I 105 -10.27 -12.28 50.72
N ALA I 106 -11.33 -12.06 49.97
CA ALA I 106 -11.66 -10.74 49.44
C ALA I 106 -12.93 -10.90 48.63
N THR I 107 -13.46 -9.76 48.19
CA THR I 107 -14.49 -9.74 47.16
C THR I 107 -13.85 -9.27 45.86
N TYR I 108 -14.09 -10.00 44.79
CA TYR I 108 -13.52 -9.68 43.49
C TYR I 108 -14.62 -9.09 42.62
N TYR I 109 -14.27 -8.11 41.80
CA TYR I 109 -15.20 -7.46 40.90
C TYR I 109 -14.61 -7.36 39.52
N CYS I 110 -15.43 -7.64 38.51
CA CYS I 110 -15.09 -7.24 37.17
C CYS I 110 -15.69 -5.85 36.88
N GLN I 111 -15.09 -5.15 35.92
CA GLN I 111 -15.57 -3.86 35.48
C GLN I 111 -15.22 -3.69 34.02
N GLN I 112 -16.19 -3.29 33.20
CA GLN I 112 -15.93 -2.94 31.82
C GLN I 112 -15.61 -1.45 31.74
N TYR I 113 -14.71 -1.10 30.83
CA TYR I 113 -14.30 0.26 30.55
C TYR I 113 -14.33 0.50 29.04
N HIS I 114 -15.31 -0.12 28.37
CA HIS I 114 -15.54 0.17 26.96
C HIS I 114 -16.26 1.50 26.74
N ASN I 115 -17.32 1.78 27.51
CA ASN I 115 -18.07 3.02 27.30
C ASN I 115 -18.69 3.50 28.59
N LEU I 116 -18.60 4.81 28.86
CA LEU I 116 -19.16 5.29 30.11
C LEU I 116 -20.68 5.16 29.98
N PRO I 117 -21.40 4.84 31.06
CA PRO I 117 -20.77 4.57 32.37
C PRO I 117 -20.03 3.24 32.49
N TYR I 118 -18.96 3.28 33.30
CA TYR I 118 -18.10 2.14 33.55
C TYR I 118 -18.63 1.18 34.59
N THR I 119 -19.37 0.18 34.15
CA THR I 119 -20.19 -0.63 35.03
C THR I 119 -19.39 -1.78 35.68
N PHE I 120 -19.79 -2.15 36.89
CA PHE I 120 -19.20 -3.21 37.69
C PHE I 120 -20.11 -4.43 37.65
N GLY I 121 -19.50 -5.61 37.73
CA GLY I 121 -20.22 -6.80 38.12
C GLY I 121 -20.64 -6.69 39.56
N PRO I 122 -21.51 -7.59 40.01
CA PRO I 122 -22.04 -7.50 41.37
C PRO I 122 -21.17 -8.13 42.43
N GLY I 123 -20.02 -8.68 42.06
CA GLY I 123 -19.02 -9.16 42.99
C GLY I 123 -19.08 -10.65 43.20
N THR I 124 -17.94 -11.21 43.59
CA THR I 124 -17.81 -12.60 44.02
C THR I 124 -17.04 -12.58 45.33
N LYS I 125 -17.71 -12.99 46.41
CA LYS I 125 -17.09 -13.07 47.72
C LYS I 125 -16.43 -14.43 47.95
N LEU I 126 -15.11 -14.42 48.09
CA LEU I 126 -14.32 -15.63 48.21
C LEU I 126 -13.92 -15.81 49.67
N GLU I 127 -14.25 -16.95 50.28
CA GLU I 127 -13.83 -17.22 51.64
C GLU I 127 -13.10 -18.56 51.65
N ILE I 128 -12.29 -18.77 52.69
CA ILE I 128 -11.62 -20.05 52.92
C ILE I 128 -12.48 -20.94 53.81
N LYS I 129 -12.10 -22.21 53.93
CA LYS I 129 -12.77 -23.23 54.75
C LYS I 129 -14.09 -23.62 54.08
N THR J 22 2.81 7.23 34.78
CA THR J 22 2.95 5.85 35.32
C THR J 22 1.94 5.60 36.44
N ASP J 23 2.40 5.08 37.58
CA ASP J 23 1.54 4.73 38.70
C ASP J 23 0.96 5.93 39.43
N ILE J 24 -0.16 6.48 38.96
CA ILE J 24 -0.81 7.61 39.61
C ILE J 24 -1.39 7.20 40.96
N GLN J 25 -1.08 7.99 41.99
CA GLN J 25 -1.56 7.77 43.36
C GLN J 25 -2.74 8.69 43.65
N MET J 26 -3.86 8.12 44.10
CA MET J 26 -5.06 8.89 44.44
C MET J 26 -5.21 9.03 45.95
N THR J 27 -5.18 10.27 46.45
CA THR J 27 -5.28 10.59 47.90
C THR J 27 -6.67 11.16 48.23
N GLN J 28 -7.50 10.36 48.87
CA GLN J 28 -8.88 10.73 49.19
C GLN J 28 -9.06 11.11 50.66
N SER J 29 -9.76 12.22 50.91
N SER J 29 -9.77 12.21 50.91
CA SER J 29 -10.04 12.71 52.26
CA SER J 29 -10.02 12.74 52.25
C SER J 29 -11.45 13.26 52.30
C SER J 29 -11.48 13.18 52.27
N PRO J 30 -12.22 13.01 53.36
CA PRO J 30 -11.71 12.27 54.52
C PRO J 30 -11.80 10.76 54.38
N SER J 31 -11.26 10.07 55.39
N SER J 31 -11.19 10.07 55.35
CA SER J 31 -11.28 8.61 55.38
CA SER J 31 -11.25 8.62 55.42
C SER J 31 -12.60 8.06 55.91
C SER J 31 -12.59 8.08 55.91
N SER J 32 -13.18 8.73 56.91
CA SER J 32 -14.48 8.34 57.42
C SER J 32 -15.21 9.56 57.96
N LEU J 33 -16.53 9.47 58.02
CA LEU J 33 -17.29 10.53 58.67
C LEU J 33 -18.66 9.99 59.07
N SER J 34 -19.20 10.52 60.16
CA SER J 34 -20.53 10.15 60.69
C SER J 34 -21.44 11.37 60.76
N ALA J 35 -21.93 11.87 59.62
CA ALA J 35 -22.84 13.02 59.64
C ALA J 35 -24.29 12.59 59.86
N SER J 36 -25.16 13.60 60.00
CA SER J 36 -26.58 13.42 60.26
C SER J 36 -27.40 13.64 59.00
N VAL J 37 -28.61 13.08 59.00
CA VAL J 37 -29.55 13.32 57.92
C VAL J 37 -29.78 14.82 57.76
N GLY J 38 -29.71 15.28 56.50
CA GLY J 38 -29.86 16.69 56.17
C GLY J 38 -28.61 17.53 56.15
N ASP J 39 -27.45 17.00 56.56
CA ASP J 39 -26.27 17.84 56.51
C ASP J 39 -25.65 17.85 55.12
N ARG J 40 -24.90 18.92 54.82
CA ARG J 40 -24.09 18.96 53.61
C ARG J 40 -22.80 18.20 53.90
N VAL J 41 -22.41 17.29 53.01
CA VAL J 41 -21.15 16.55 53.14
C VAL J 41 -20.23 16.86 51.98
N THR J 42 -18.97 17.22 52.28
CA THR J 42 -18.00 17.57 51.25
C THR J 42 -16.75 16.72 51.47
N ILE J 43 -16.40 15.94 50.46
CA ILE J 43 -15.26 15.01 50.48
C ILE J 43 -14.38 15.38 49.29
N THR J 44 -13.07 15.32 49.50
CA THR J 44 -12.10 15.68 48.46
C THR J 44 -11.21 14.52 48.07
N CYS J 45 -10.58 14.67 46.91
CA CYS J 45 -9.69 13.67 46.32
C CYS J 45 -8.64 14.40 45.52
N GLN J 46 -7.38 14.19 45.90
CA GLN J 46 -6.22 14.77 45.24
C GLN J 46 -5.46 13.69 44.49
N ALA J 47 -5.14 13.96 43.23
CA ALA J 47 -4.29 13.07 42.45
C ALA J 47 -2.84 13.53 42.50
N SER J 48 -1.95 12.55 42.45
CA SER J 48 -0.51 12.78 42.49
C SER J 48 0.03 13.30 41.16
N GLN J 49 -0.78 13.26 40.10
CA GLN J 49 -0.41 13.88 38.83
C GLN J 49 -1.65 14.43 38.15
N ASP J 50 -1.43 15.35 37.22
CA ASP J 50 -2.52 16.01 36.50
C ASP J 50 -3.33 15.00 35.71
N ILE J 51 -4.62 14.86 36.04
CA ILE J 51 -5.49 13.90 35.36
C ILE J 51 -6.59 14.62 34.55
N SER J 52 -6.40 15.90 34.23
CA SER J 52 -7.40 16.68 33.48
C SER J 52 -8.72 16.59 34.23
N ASN J 53 -9.86 16.32 33.57
CA ASN J 53 -11.12 16.09 34.26
C ASN J 53 -11.61 14.64 34.17
N TYR J 54 -10.70 13.69 34.02
CA TYR J 54 -11.05 12.26 33.97
C TYR J 54 -11.12 11.65 35.37
N LEU J 55 -12.15 12.05 36.12
CA LEU J 55 -12.35 11.55 37.48
C LEU J 55 -13.78 11.05 37.63
N ILE J 56 -13.92 9.83 38.14
CA ILE J 56 -15.21 9.24 38.49
C ILE J 56 -15.38 9.25 40.00
N TRP J 57 -16.63 9.35 40.45
CA TRP J 57 -17.01 9.10 41.84
C TRP J 57 -18.06 7.99 41.90
N TYR J 58 -17.76 6.96 42.70
CA TYR J 58 -18.64 5.82 42.92
C TYR J 58 -19.20 5.76 44.34
N GLN J 59 -20.38 5.16 44.45
CA GLN J 59 -20.98 4.85 45.73
C GLN J 59 -21.08 3.33 45.83
N GLN J 60 -20.56 2.78 46.92
CA GLN J 60 -20.58 1.34 47.18
C GLN J 60 -21.29 1.05 48.49
N LYS J 61 -22.54 0.62 48.44
CA LYS J 61 -23.24 0.27 49.65
C LYS J 61 -22.74 -1.07 50.19
N PRO J 62 -22.88 -1.29 51.50
CA PRO J 62 -22.27 -2.47 52.14
C PRO J 62 -22.76 -3.76 51.51
N GLY J 63 -21.82 -4.63 51.15
CA GLY J 63 -22.08 -5.88 50.45
C GLY J 63 -22.30 -5.77 48.95
N LYS J 64 -22.32 -4.57 48.38
CA LYS J 64 -22.63 -4.36 46.97
C LYS J 64 -21.42 -3.87 46.20
N ALA J 65 -21.61 -3.83 44.88
CA ALA J 65 -20.63 -3.32 43.94
C ALA J 65 -20.66 -1.80 43.90
N PRO J 66 -19.56 -1.19 43.46
CA PRO J 66 -19.59 0.26 43.22
C PRO J 66 -20.57 0.64 42.14
N LYS J 67 -21.21 1.79 42.34
CA LYS J 67 -22.17 2.37 41.41
C LYS J 67 -21.67 3.75 41.01
N LEU J 68 -21.63 4.01 39.71
CA LEU J 68 -21.10 5.28 39.24
C LEU J 68 -22.11 6.39 39.53
N LEU J 69 -21.64 7.47 40.17
CA LEU J 69 -22.47 8.65 40.40
C LEU J 69 -22.09 9.82 39.51
N ILE J 70 -20.79 10.09 39.41
CA ILE J 70 -20.26 11.26 38.71
C ILE J 70 -19.13 10.80 37.82
N TYR J 71 -19.10 11.33 36.59
CA TYR J 71 -18.05 11.07 35.64
C TYR J 71 -17.58 12.40 35.05
N ASP J 72 -16.44 12.34 34.36
CA ASP J 72 -15.78 13.50 33.76
C ASP J 72 -15.54 14.62 34.76
N ALA J 73 -15.25 14.29 36.01
CA ALA J 73 -15.00 15.31 37.02
C ALA J 73 -16.28 16.07 37.37
N SER J 74 -17.18 16.27 36.38
CA SER J 74 -18.27 17.22 36.54
C SER J 74 -19.59 16.73 35.97
N ASN J 75 -19.65 15.54 35.35
CA ASN J 75 -20.89 15.01 34.80
C ASN J 75 -21.55 14.00 35.72
N LEU J 76 -22.83 14.19 35.95
CA LEU J 76 -23.62 13.32 36.78
C LEU J 76 -24.21 12.34 35.79
N GLU J 77 -24.28 11.05 36.11
CA GLU J 77 -24.98 10.22 35.14
C GLU J 77 -26.49 10.31 35.26
N THR J 78 -27.14 9.69 34.27
CA THR J 78 -28.59 9.67 34.18
C THR J 78 -29.14 8.89 35.38
N GLY J 79 -30.29 9.32 35.90
CA GLY J 79 -30.88 8.58 37.01
C GLY J 79 -30.23 8.87 38.35
N VAL J 80 -29.19 9.70 38.34
CA VAL J 80 -28.44 10.07 39.54
C VAL J 80 -29.25 11.09 40.34
N PRO J 81 -29.48 10.86 41.64
CA PRO J 81 -30.22 11.86 42.43
C PRO J 81 -29.57 13.23 42.32
N SER J 82 -30.42 14.27 42.28
CA SER J 82 -29.96 15.65 42.14
C SER J 82 -29.13 16.22 43.30
N ARG J 83 -29.19 15.64 44.50
CA ARG J 83 -28.37 16.12 45.62
C ARG J 83 -26.88 15.86 45.49
N PHE J 84 -26.46 14.99 44.59
CA PHE J 84 -25.04 14.68 44.41
C PHE J 84 -24.46 15.62 43.37
N SER J 85 -23.25 16.12 43.65
CA SER J 85 -22.53 16.94 42.68
C SER J 85 -21.03 16.72 42.83
N GLY J 86 -20.32 17.08 41.76
CA GLY J 86 -18.87 17.03 41.75
C GLY J 86 -18.29 18.25 41.09
N SER J 87 -17.10 18.63 41.55
CA SER J 87 -16.38 19.78 41.00
C SER J 87 -14.89 19.51 41.01
N GLY J 88 -14.17 20.38 40.32
CA GLY J 88 -12.72 20.37 40.26
C GLY J 88 -12.21 20.03 38.87
N SER J 89 -10.90 20.21 38.71
CA SER J 89 -10.18 19.92 37.47
C SER J 89 -8.70 20.06 37.72
N GLY J 90 -7.91 19.17 37.12
CA GLY J 90 -6.47 19.18 37.30
C GLY J 90 -5.99 18.17 38.33
N THR J 91 -5.73 18.61 39.56
CA THR J 91 -5.22 17.74 40.61
C THR J 91 -6.10 17.70 41.84
N ASP J 92 -7.03 18.64 42.01
CA ASP J 92 -7.89 18.72 43.18
C ASP J 92 -9.34 18.59 42.75
N PHE J 93 -10.08 17.72 43.43
CA PHE J 93 -11.47 17.44 43.09
C PHE J 93 -12.30 17.36 44.37
N THR J 94 -13.60 17.66 44.22
CA THR J 94 -14.52 17.68 45.34
C THR J 94 -15.81 16.98 44.95
N PHE J 95 -16.33 16.16 45.86
CA PHE J 95 -17.64 15.52 45.76
C PHE J 95 -18.53 16.02 46.89
N THR J 96 -19.74 16.44 46.56
CA THR J 96 -20.65 17.03 47.54
C THR J 96 -22.01 16.34 47.52
N ILE J 97 -22.52 16.03 48.71
CA ILE J 97 -23.93 15.67 48.92
C ILE J 97 -24.60 16.85 49.60
N SER J 98 -25.60 17.43 48.92
CA SER J 98 -26.19 18.68 49.42
C SER J 98 -26.98 18.45 50.70
N SER J 99 -27.64 17.29 50.83
CA SER J 99 -28.51 17.01 51.97
C SER J 99 -28.46 15.50 52.22
N LEU J 100 -27.68 15.09 53.22
CA LEU J 100 -27.42 13.67 53.41
C LEU J 100 -28.74 12.97 53.74
N GLN J 101 -28.97 11.83 53.10
CA GLN J 101 -30.12 10.97 53.33
C GLN J 101 -29.75 9.57 53.84
N PRO J 102 -30.69 8.88 54.49
CA PRO J 102 -30.39 7.54 55.03
C PRO J 102 -29.90 6.57 53.97
N GLU J 103 -30.39 6.65 52.75
CA GLU J 103 -29.96 5.68 51.73
C GLU J 103 -28.53 5.93 51.26
N ASP J 104 -27.89 7.00 51.71
CA ASP J 104 -26.54 7.36 51.26
C ASP J 104 -25.42 6.73 52.10
N ILE J 105 -25.73 6.04 53.20
CA ILE J 105 -24.71 5.29 53.94
C ILE J 105 -24.00 4.34 52.98
N ALA J 106 -22.68 4.52 52.86
CA ALA J 106 -21.89 3.84 51.86
C ALA J 106 -20.44 4.27 52.05
N THR J 107 -19.55 3.63 51.30
CA THR J 107 -18.19 4.10 51.11
C THR J 107 -18.09 4.69 49.72
N TYR J 108 -17.52 5.89 49.63
CA TYR J 108 -17.39 6.58 48.36
C TYR J 108 -15.94 6.51 47.92
N TYR J 109 -15.75 6.38 46.61
CA TYR J 109 -14.42 6.30 46.00
C TYR J 109 -14.35 7.23 44.80
N CYS J 110 -13.23 7.93 44.69
CA CYS J 110 -12.90 8.54 43.41
C CYS J 110 -12.04 7.53 42.63
N GLN J 111 -12.02 7.69 41.31
CA GLN J 111 -11.20 6.87 40.43
C GLN J 111 -10.85 7.75 39.26
N GLN J 112 -9.57 7.80 38.90
CA GLN J 112 -9.16 8.53 37.71
C GLN J 112 -9.21 7.62 36.49
N TYR J 113 -9.56 8.21 35.36
CA TYR J 113 -9.58 7.50 34.10
C TYR J 113 -8.88 8.28 33.01
N HIS J 114 -7.83 9.04 33.37
CA HIS J 114 -6.98 9.65 32.35
C HIS J 114 -6.00 8.65 31.76
N ASN J 115 -5.35 7.84 32.61
CA ASN J 115 -4.36 6.90 32.10
C ASN J 115 -4.28 5.66 32.97
N LEU J 116 -4.24 4.50 32.31
CA LEU J 116 -4.22 3.20 32.96
C LEU J 116 -2.85 3.07 33.64
N PRO J 117 -2.75 2.38 34.79
CA PRO J 117 -3.91 1.79 35.49
C PRO J 117 -4.87 2.73 36.21
N TYR J 118 -6.15 2.28 36.26
CA TYR J 118 -7.25 3.04 36.85
C TYR J 118 -7.38 2.93 38.37
N THR J 119 -6.71 3.83 39.07
CA THR J 119 -6.47 3.74 40.50
C THR J 119 -7.63 4.34 41.28
N PHE J 120 -7.86 3.82 42.46
CA PHE J 120 -8.90 4.24 43.39
C PHE J 120 -8.25 5.08 44.49
N GLY J 121 -9.01 6.03 45.00
CA GLY J 121 -8.72 6.61 46.29
C GLY J 121 -8.94 5.55 47.33
N PRO J 122 -8.50 5.79 48.56
CA PRO J 122 -8.60 4.77 49.60
C PRO J 122 -9.95 4.72 50.26
N GLY J 123 -10.88 5.56 49.82
CA GLY J 123 -12.26 5.49 50.23
C GLY J 123 -12.60 6.51 51.30
N THR J 124 -13.88 6.84 51.35
CA THR J 124 -14.46 7.66 52.41
C THR J 124 -15.69 6.91 52.89
N LYS J 125 -15.65 6.45 54.14
CA LYS J 125 -16.77 5.75 54.75
C LYS J 125 -17.70 6.75 55.42
N LEU J 126 -18.93 6.85 54.91
CA LEU J 126 -19.90 7.81 55.38
C LEU J 126 -20.94 7.08 56.24
N GLU J 127 -21.14 7.54 57.49
CA GLU J 127 -22.16 6.94 58.34
C GLU J 127 -23.12 8.00 58.85
N ILE J 128 -24.31 7.55 59.24
CA ILE J 128 -25.34 8.35 59.92
C ILE J 128 -25.25 8.27 61.44
N LYS J 129 -25.37 9.44 62.08
CA LYS J 129 -25.36 9.65 63.53
C LYS J 129 -23.97 10.11 63.94
S SO4 K . 13.18 2.75 -26.87
O1 SO4 K . 14.09 3.69 -26.17
O2 SO4 K . 13.85 2.20 -28.05
O3 SO4 K . 12.80 1.66 -25.93
O4 SO4 K . 11.96 3.47 -27.28
#